data_2X0Y
#
_entry.id   2X0Y
#
_cell.length_a   130.405
_cell.length_b   148.549
_cell.length_c   151.970
_cell.angle_alpha   90.00
_cell.angle_beta   90.00
_cell.angle_gamma   90.00
#
_symmetry.space_group_name_H-M   'I 21 21 21'
#
loop_
_entity.id
_entity.type
_entity.pdbx_description
1 polymer 'O-GLCNACASE NAGJ'
2 non-polymer 7-[(2S)-2,3-DIHYDROXYPROPYL]-1,3-DIMETHYL-3,7-DIHYDRO-1H-PURINE-2,6-DIONE
3 water water
#
_entity_poly.entity_id   1
_entity_poly.type   'polypeptide(L)'
_entity_poly.pdbx_seq_one_letter_code
;VGPKTGEENQVLVPNLNPTPENLEVVGDGFKITSSINLVGEEEADENAVNALREFLTANNIEINSENDPNSTTLIIGEVD
DDIPELDEALNGTTAENLKEEGYALVSNDGKIAIEGKDGDGTFYGVQTFKQLVKESNIPEVNITDYPTVSARGIVEGFYG
TPWTHQDRLDQIKFYGENKLNTYIYAPKDDPYHREKWREPYPESEMQRMQELINASAENKVDFVFGISPGIDIRFDGDAG
EEDFNHLITKAESLYDMGVRSFAIYWDDIQDKSAAKHAQVLNRFNEEFVKAKGDVKPLITVPTEYDTGAMVSNGQPRAYT
RIFAETVDPSIEVMWTGPGVVTNEIPLSDAQLISGIYNRNMAVWWNYPVTDYFKGKLALGPMHGLDKGLNQYVDFFTVNP
MEHAELSKISIHTAADYSWNMDNYDYDKAWNRAIDMLYGDLAEDMKVFANHSTRMDNKTWAKSGREDAPELRAKMDELWN
KLSSKEDASALIEELYGEFARMEEACNNLKANLPEVALEECSRQLDELITLAQGDKASLDMIVAQLNEDTEAYESAKEIA
QNKLNTALSSFAVISEKVAQSFIQEALSFDLTLI
;
_entity_poly.pdbx_strand_id   A,B
#
loop_
_chem_comp.id
_chem_comp.type
_chem_comp.name
_chem_comp.formula
X0T non-polymer 7-[(2S)-2,3-DIHYDROXYPROPYL]-1,3-DIMETHYL-3,7-DIHYDRO-1H-PURINE-2,6-DIONE 'C10 H14 N4 O4'
#
# COMPACT_ATOMS: atom_id res chain seq x y z
N VAL A 11 7.47 46.74 13.67
CA VAL A 11 7.85 46.86 12.23
C VAL A 11 7.30 45.69 11.42
N LEU A 12 7.67 44.47 11.79
CA LEU A 12 7.24 43.28 11.03
C LEU A 12 5.94 42.74 11.58
N VAL A 13 5.11 42.20 10.68
CA VAL A 13 3.83 41.59 11.09
C VAL A 13 4.06 40.22 11.76
N PRO A 14 3.63 40.08 13.03
CA PRO A 14 3.69 38.79 13.73
C PRO A 14 2.78 37.74 13.07
N ASN A 15 3.03 36.46 13.37
CA ASN A 15 2.17 35.38 12.89
C ASN A 15 0.75 35.70 13.31
N LEU A 16 -0.18 35.63 12.36
CA LEU A 16 -1.60 35.80 12.67
C LEU A 16 -2.38 34.54 12.36
N ASN A 17 -3.39 34.27 13.18
CA ASN A 17 -4.30 33.18 12.91
C ASN A 17 -5.69 33.48 13.41
N PRO A 18 -6.69 33.42 12.52
CA PRO A 18 -6.63 33.13 11.09
C PRO A 18 -5.98 34.23 10.28
N THR A 19 -5.53 33.89 9.08
CA THR A 19 -5.04 34.86 8.12
C THR A 19 -6.17 35.87 7.82
N PRO A 20 -5.93 37.17 8.04
CA PRO A 20 -7.00 38.12 7.69
C PRO A 20 -7.15 38.26 6.19
N GLU A 21 -8.38 38.49 5.73
CA GLU A 21 -8.67 38.60 4.30
C GLU A 21 -7.79 39.65 3.61
N ASN A 22 -7.81 40.87 4.13
CA ASN A 22 -7.04 41.97 3.57
C ASN A 22 -6.13 42.66 4.60
N LEU A 23 -4.85 42.68 4.29
CA LEU A 23 -3.85 43.29 5.15
C LEU A 23 -2.75 43.91 4.30
N GLU A 24 -2.56 45.21 4.45
CA GLU A 24 -1.45 45.91 3.83
C GLU A 24 -0.66 46.68 4.89
N VAL A 25 0.66 46.59 4.80
CA VAL A 25 1.53 47.35 5.68
C VAL A 25 1.59 48.78 5.17
N VAL A 26 1.18 49.72 6.02
CA VAL A 26 1.04 51.12 5.62
C VAL A 26 1.99 52.08 6.36
N GLY A 27 2.97 51.51 7.07
CA GLY A 27 3.96 52.30 7.81
C GLY A 27 5.05 51.43 8.38
N ASP A 28 5.72 51.93 9.43
CA ASP A 28 6.83 51.19 10.05
C ASP A 28 6.55 50.85 11.51
N GLY A 29 5.31 51.08 11.94
CA GLY A 29 4.85 50.68 13.25
C GLY A 29 5.36 51.58 14.35
N PHE A 30 4.82 51.42 15.55
CA PHE A 30 5.20 52.24 16.69
C PHE A 30 5.08 51.48 18.00
N LYS A 31 5.60 52.08 19.06
CA LYS A 31 5.50 51.51 20.39
C LYS A 31 4.32 52.13 21.14
N ILE A 32 3.37 51.29 21.56
CA ILE A 32 2.25 51.75 22.37
C ILE A 32 2.76 52.14 23.77
N THR A 33 2.43 53.35 24.20
CA THR A 33 2.82 53.87 25.53
C THR A 33 2.28 53.02 26.69
N SER A 34 2.82 53.24 27.88
CA SER A 34 2.51 52.44 29.06
C SER A 34 1.10 52.71 29.59
N SER A 35 0.55 53.86 29.24
CA SER A 35 -0.86 54.15 29.48
C SER A 35 -1.45 54.69 28.18
N ILE A 36 -2.73 54.40 27.96
CA ILE A 36 -3.40 54.73 26.68
C ILE A 36 -4.74 55.47 26.86
N ASN A 37 -5.19 56.10 25.78
N ASN A 37 -5.18 56.11 25.77
CA ASN A 37 -6.51 56.74 25.74
CA ASN A 37 -7.46 58.51 26.70
CA ASN A 37 -6.50 56.74 25.72
C ASN A 37 -7.55 55.79 25.15
C ASN A 37 -7.52 55.75 25.15
N LEU A 38 -8.50 55.38 25.98
CA LEU A 38 -9.59 54.49 25.53
C LEU A 38 -10.84 55.29 25.13
N VAL A 39 -11.25 55.13 23.86
CA VAL A 39 -12.37 55.86 23.27
C VAL A 39 -13.41 54.89 22.70
N GLY A 40 -14.60 54.90 23.29
CA GLY A 40 -15.72 54.07 22.78
C GLY A 40 -16.07 52.89 23.67
N GLU A 41 -15.27 52.69 24.71
CA GLU A 41 -15.44 51.62 25.71
C GLU A 41 -16.88 51.37 26.20
N GLU A 42 -17.75 52.38 26.08
CA GLU A 42 -19.12 52.30 26.61
C GLU A 42 -20.16 52.05 25.52
N GLU A 43 -19.79 52.34 24.28
CA GLU A 43 -20.64 52.09 23.10
C GLU A 43 -20.36 50.72 22.43
N ALA A 44 -19.10 50.29 22.53
CA ALA A 44 -18.63 49.08 21.86
C ALA A 44 -19.16 47.80 22.52
N ASP A 45 -19.01 46.67 21.82
CA ASP A 45 -19.45 45.37 22.32
C ASP A 45 -18.75 45.04 23.63
N GLU A 46 -19.55 44.73 24.65
CA GLU A 46 -19.09 44.44 26.00
C GLU A 46 -18.06 43.30 26.06
N ASN A 47 -18.33 42.21 25.33
CA ASN A 47 -17.41 41.08 25.27
C ASN A 47 -16.07 41.45 24.61
N ALA A 48 -16.11 42.28 23.58
CA ALA A 48 -14.90 42.79 22.95
C ALA A 48 -14.10 43.70 23.89
N VAL A 49 -14.79 44.61 24.57
CA VAL A 49 -14.15 45.51 25.53
C VAL A 49 -13.58 44.73 26.73
N ASN A 50 -14.30 43.71 27.18
CA ASN A 50 -13.80 42.89 28.27
C ASN A 50 -12.57 42.10 27.83
N ALA A 51 -12.54 41.69 26.57
CA ALA A 51 -11.40 40.96 26.02
C ALA A 51 -10.19 41.89 25.97
N LEU A 52 -10.39 43.10 25.45
CA LEU A 52 -9.36 44.14 25.40
C LEU A 52 -8.76 44.49 26.77
N ARG A 53 -9.62 44.77 27.73
CA ARG A 53 -9.20 45.13 29.09
C ARG A 53 -8.33 44.03 29.70
N GLU A 54 -8.74 42.78 29.49
CA GLU A 54 -8.00 41.62 29.98
C GLU A 54 -6.61 41.52 29.35
N PHE A 55 -6.49 41.91 28.08
CA PHE A 55 -5.22 41.94 27.38
C PHE A 55 -4.30 43.03 27.92
N LEU A 56 -4.79 44.28 27.93
CA LEU A 56 -4.00 45.41 28.43
C LEU A 56 -3.55 45.20 29.87
N THR A 57 -4.48 44.77 30.73
CA THR A 57 -4.16 44.42 32.11
C THR A 57 -2.99 43.42 32.22
N ALA A 58 -2.98 42.40 31.35
CA ALA A 58 -1.95 41.35 31.39
C ALA A 58 -0.63 41.81 30.78
N ASN A 59 -0.67 42.86 29.96
CA ASN A 59 0.52 43.39 29.33
C ASN A 59 0.97 44.72 29.94
N ASN A 60 0.42 45.03 31.12
CA ASN A 60 0.79 46.22 31.91
C ASN A 60 0.64 47.52 31.15
N ILE A 61 -0.55 47.70 30.58
CA ILE A 61 -0.90 48.90 29.83
C ILE A 61 -2.10 49.53 30.54
N GLU A 62 -1.86 50.67 31.20
CA GLU A 62 -2.92 51.30 31.98
C GLU A 62 -3.86 52.09 31.07
N ILE A 63 -5.06 52.37 31.60
CA ILE A 63 -6.05 53.19 30.92
C ILE A 63 -6.04 54.60 31.50
N ASN A 64 -5.91 55.60 30.62
CA ASN A 64 -5.97 57.01 31.02
C ASN A 64 -7.40 57.42 31.39
N SER A 65 -7.57 57.95 32.60
CA SER A 65 -8.87 58.51 33.01
C SER A 65 -9.16 59.83 32.30
N GLU A 66 -8.10 60.54 31.92
CA GLU A 66 -8.20 61.75 31.12
C GLU A 66 -7.24 61.72 29.92
N ASN A 67 -7.70 62.26 28.79
CA ASN A 67 -6.96 62.25 27.52
C ASN A 67 -5.57 62.89 27.63
N ASP A 68 -4.76 62.68 26.61
CA ASP A 68 -3.38 63.15 26.56
C ASP A 68 -2.83 62.82 25.18
N PRO A 69 -2.55 63.85 24.36
CA PRO A 69 -2.09 63.68 22.97
C PRO A 69 -0.75 62.93 22.81
N ASN A 70 -0.03 62.74 23.93
CA ASN A 70 1.22 61.98 23.91
C ASN A 70 0.96 60.48 23.88
N SER A 71 0.12 60.01 24.81
CA SER A 71 -0.16 58.59 24.96
C SER A 71 -1.06 58.04 23.84
N THR A 72 -0.74 56.83 23.37
CA THR A 72 -1.49 56.11 22.33
C THR A 72 -3.00 56.16 22.53
N THR A 73 -3.73 56.27 21.43
CA THR A 73 -5.18 56.32 21.45
C THR A 73 -5.79 55.08 20.77
N LEU A 74 -6.59 54.33 21.52
CA LEU A 74 -7.27 53.16 20.98
C LEU A 74 -8.77 53.42 20.92
N ILE A 75 -9.33 53.30 19.72
CA ILE A 75 -10.74 53.60 19.48
C ILE A 75 -11.50 52.36 18.99
N ILE A 76 -12.62 52.07 19.63
CA ILE A 76 -13.33 50.82 19.41
C ILE A 76 -14.86 51.00 19.34
N GLY A 77 -15.49 50.36 18.34
CA GLY A 77 -16.96 50.35 18.20
C GLY A 77 -17.51 49.69 16.94
N GLU A 78 -18.83 49.56 16.90
CA GLU A 78 -19.54 49.00 15.73
C GLU A 78 -19.80 50.10 14.72
N VAL A 79 -20.05 49.72 13.46
CA VAL A 79 -20.34 50.68 12.39
C VAL A 79 -21.64 51.46 12.66
N ASP A 80 -22.62 50.76 13.22
CA ASP A 80 -23.91 51.37 13.57
C ASP A 80 -23.82 52.41 14.69
N ASP A 81 -22.60 52.69 15.15
CA ASP A 81 -22.36 53.73 16.14
C ASP A 81 -21.77 54.99 15.47
N ASP A 82 -22.35 56.14 15.79
CA ASP A 82 -21.89 57.44 15.33
C ASP A 82 -20.75 57.90 16.25
N ILE A 83 -19.53 57.51 15.90
CA ILE A 83 -18.34 57.91 16.65
C ILE A 83 -17.29 58.42 15.66
N PRO A 84 -17.20 59.76 15.50
CA PRO A 84 -16.44 60.38 14.42
C PRO A 84 -14.93 60.30 14.62
N GLU A 85 -14.50 60.01 15.85
CA GLU A 85 -13.10 59.74 16.16
C GLU A 85 -12.63 58.46 15.46
N LEU A 86 -13.49 57.45 15.51
CA LEU A 86 -13.29 56.20 14.80
C LEU A 86 -13.14 56.50 13.31
N ASP A 87 -14.11 57.21 12.74
CA ASP A 87 -14.08 57.60 11.33
C ASP A 87 -12.77 58.29 10.98
N GLU A 88 -12.43 59.32 11.76
CA GLU A 88 -11.20 60.09 11.59
C GLU A 88 -9.97 59.18 11.60
N ALA A 89 -9.91 58.27 12.57
CA ALA A 89 -8.79 57.33 12.67
C ALA A 89 -8.74 56.30 11.54
N LEU A 90 -9.91 55.95 11.00
CA LEU A 90 -10.02 54.92 9.96
C LEU A 90 -9.59 55.37 8.57
N ASN A 91 -9.71 56.68 8.31
CA ASN A 91 -9.14 57.30 7.12
C ASN A 91 -9.69 56.74 5.79
N GLY A 92 -11.00 56.54 5.77
CA GLY A 92 -11.69 55.95 4.62
C GLY A 92 -12.19 54.54 4.90
N THR A 93 -11.24 53.64 5.17
CA THR A 93 -11.51 52.20 5.34
C THR A 93 -12.56 51.92 6.41
N THR A 94 -13.49 51.01 6.08
CA THR A 94 -14.69 50.79 6.88
C THR A 94 -15.13 49.32 6.87
N ALA A 95 -15.93 48.95 7.87
CA ALA A 95 -16.54 47.63 7.98
C ALA A 95 -18.00 47.64 7.51
N GLU A 96 -18.45 48.78 6.97
CA GLU A 96 -19.87 49.00 6.61
C GLU A 96 -20.43 47.92 5.68
N ASN A 97 -19.71 47.64 4.60
CA ASN A 97 -20.17 46.69 3.58
C ASN A 97 -19.64 45.24 3.70
N LEU A 98 -19.07 44.90 4.84
CA LEU A 98 -18.53 43.56 5.06
C LEU A 98 -19.63 42.66 5.63
N LYS A 99 -19.43 41.34 5.50
CA LYS A 99 -20.42 40.37 5.99
C LYS A 99 -20.41 40.26 7.51
N GLU A 100 -21.41 39.57 8.06
CA GLU A 100 -21.46 39.31 9.49
C GLU A 100 -20.09 38.85 10.05
N GLU A 101 -19.82 39.24 11.29
CA GLU A 101 -18.55 38.90 12.00
C GLU A 101 -17.33 39.62 11.43
N GLY A 102 -17.53 40.43 10.39
CA GLY A 102 -16.43 41.16 9.75
C GLY A 102 -15.99 42.38 10.56
N TYR A 103 -14.82 42.93 10.23
CA TYR A 103 -14.30 44.10 10.96
C TYR A 103 -13.19 44.85 10.18
N ALA A 104 -12.95 46.08 10.61
CA ALA A 104 -11.86 46.90 10.09
C ALA A 104 -10.90 47.28 11.22
N LEU A 105 -9.60 47.24 10.93
CA LEU A 105 -8.60 47.60 11.92
C LEU A 105 -7.51 48.41 11.26
N VAL A 106 -7.21 49.55 11.86
CA VAL A 106 -6.19 50.46 11.35
C VAL A 106 -5.31 50.94 12.50
N SER A 107 -4.01 50.68 12.35
CA SER A 107 -3.00 51.15 13.28
C SER A 107 -2.14 52.15 12.52
N ASN A 108 -2.19 53.41 12.93
CA ASN A 108 -1.48 54.49 12.24
C ASN A 108 -1.08 55.56 13.24
N ASP A 109 0.18 55.99 13.14
CA ASP A 109 0.84 56.87 14.11
C ASP A 109 0.14 57.15 15.44
N GLY A 110 0.32 56.22 16.37
CA GLY A 110 -0.10 56.41 17.76
C GLY A 110 -1.57 56.15 18.00
N LYS A 111 -2.24 55.63 16.98
CA LYS A 111 -3.69 55.39 17.05
C LYS A 111 -4.10 54.04 16.45
N ILE A 112 -4.95 53.32 17.16
CA ILE A 112 -5.49 52.07 16.65
C ILE A 112 -7.01 52.16 16.63
N ALA A 113 -7.59 51.89 15.46
CA ALA A 113 -9.03 51.96 15.29
C ALA A 113 -9.57 50.57 15.00
N ILE A 114 -10.53 50.13 15.80
CA ILE A 114 -11.16 48.84 15.61
C ILE A 114 -12.66 49.05 15.38
N GLU A 115 -13.12 48.80 14.16
CA GLU A 115 -14.54 48.88 13.83
C GLU A 115 -15.12 47.52 13.39
N GLY A 116 -15.96 46.93 14.24
CA GLY A 116 -16.67 45.72 13.86
C GLY A 116 -17.92 46.02 13.05
N LYS A 117 -18.21 45.14 12.08
CA LYS A 117 -19.46 45.20 11.35
C LYS A 117 -20.59 44.93 12.33
N ASP A 118 -20.29 44.12 13.35
CA ASP A 118 -21.21 43.90 14.47
C ASP A 118 -20.42 43.57 15.73
N GLY A 119 -21.13 43.24 16.80
CA GLY A 119 -20.52 42.83 18.06
C GLY A 119 -19.49 41.72 17.89
N ASP A 120 -19.91 40.59 17.32
CA ASP A 120 -18.99 39.49 16.95
C ASP A 120 -17.74 40.04 16.26
N GLY A 121 -17.95 40.83 15.21
CA GLY A 121 -16.86 41.43 14.44
C GLY A 121 -15.93 42.27 15.29
N THR A 122 -16.49 42.99 16.27
CA THR A 122 -15.67 43.85 17.12
C THR A 122 -14.74 42.98 17.97
N PHE A 123 -15.31 41.90 18.53
CA PHE A 123 -14.57 40.93 19.32
C PHE A 123 -13.41 40.32 18.53
N TYR A 124 -13.63 40.07 17.23
CA TYR A 124 -12.60 39.51 16.38
C TYR A 124 -11.51 40.55 16.05
N GLY A 125 -11.91 41.81 15.84
CA GLY A 125 -10.97 42.92 15.74
C GLY A 125 -9.97 42.96 16.90
N VAL A 126 -10.48 42.86 18.12
CA VAL A 126 -9.65 42.77 19.33
C VAL A 126 -8.66 41.59 19.31
N GLN A 127 -9.11 40.42 18.85
CA GLN A 127 -8.27 39.21 18.84
C GLN A 127 -7.11 39.38 17.88
N THR A 128 -7.38 39.99 16.73
CA THR A 128 -6.33 40.30 15.78
C THR A 128 -5.37 41.30 16.40
N PHE A 129 -5.92 42.31 17.07
CA PHE A 129 -5.10 43.32 17.75
C PHE A 129 -4.13 42.68 18.73
N LYS A 130 -4.66 41.81 19.58
CA LYS A 130 -3.87 41.02 20.52
C LYS A 130 -2.69 40.29 19.85
N GLN A 131 -2.90 39.83 18.61
CA GLN A 131 -1.88 39.05 17.91
C GLN A 131 -0.87 39.96 17.23
N LEU A 132 -1.32 41.14 16.86
CA LEU A 132 -0.45 42.12 16.20
C LEU A 132 0.59 42.74 17.14
N VAL A 133 0.27 42.82 18.42
CA VAL A 133 1.13 43.46 19.43
C VAL A 133 2.21 42.51 19.95
N LYS A 134 3.45 43.00 19.97
CA LYS A 134 4.56 42.28 20.59
C LYS A 134 5.49 43.20 21.38
N GLU A 135 5.52 43.01 22.70
CA GLU A 135 6.41 43.78 23.59
C GLU A 135 5.99 45.24 23.60
N SER A 136 4.68 45.49 23.54
CA SER A 136 4.16 46.84 23.47
C SER A 136 4.34 47.49 22.07
N ASN A 137 5.08 46.83 21.18
CA ASN A 137 5.20 47.27 19.78
C ASN A 137 4.09 46.71 18.90
N ILE A 138 3.67 47.48 17.91
CA ILE A 138 2.64 47.06 16.95
C ILE A 138 2.99 47.56 15.55
N PRO A 139 2.88 46.68 14.53
CA PRO A 139 3.08 47.21 13.18
C PRO A 139 1.91 48.12 12.84
N GLU A 140 2.08 48.95 11.82
CA GLU A 140 0.97 49.77 11.37
C GLU A 140 0.46 49.29 10.03
N VAL A 141 -0.83 48.97 10.02
CA VAL A 141 -1.45 48.31 8.88
C VAL A 141 -2.87 48.79 8.66
N ASN A 142 -3.38 48.42 7.48
CA ASN A 142 -4.78 48.54 7.18
C ASN A 142 -5.40 47.16 6.92
N ILE A 143 -6.44 46.86 7.68
CA ILE A 143 -7.07 45.54 7.62
C ILE A 143 -8.58 45.63 7.51
N THR A 144 -9.11 44.89 6.53
CA THR A 144 -10.53 44.44 6.55
C THR A 144 -10.56 42.92 6.47
N ASP A 145 -11.48 42.33 7.24
CA ASP A 145 -11.45 40.91 7.46
C ASP A 145 -12.84 40.38 7.77
N TYR A 146 -13.09 39.14 7.38
CA TYR A 146 -14.39 38.47 7.56
C TYR A 146 -14.18 37.00 7.22
N PRO A 147 -15.04 36.11 7.77
CA PRO A 147 -14.90 34.65 7.55
C PRO A 147 -15.35 34.18 6.17
N THR A 148 -14.66 33.18 5.61
CA THR A 148 -15.19 32.49 4.44
C THR A 148 -16.50 31.76 4.82
N VAL A 149 -16.49 30.97 5.89
CA VAL A 149 -17.70 30.24 6.25
C VAL A 149 -18.36 30.66 7.59
N SER A 150 -19.70 30.70 7.59
CA SER A 150 -20.44 31.30 8.70
C SER A 150 -20.28 30.61 10.03
N ALA A 151 -20.33 29.28 10.04
CA ALA A 151 -20.15 28.53 11.27
C ALA A 151 -18.84 27.75 11.21
N ARG A 152 -17.97 27.99 12.19
CA ARG A 152 -16.64 27.39 12.23
C ARG A 152 -16.41 26.90 13.64
N GLY A 153 -16.01 25.64 13.81
CA GLY A 153 -15.82 25.17 15.17
C GLY A 153 -15.52 23.72 15.40
N ILE A 154 -15.85 23.29 16.61
CA ILE A 154 -15.53 21.98 17.12
C ILE A 154 -16.79 21.25 17.54
N VAL A 155 -16.82 19.95 17.26
CA VAL A 155 -17.81 19.08 17.87
C VAL A 155 -17.11 18.11 18.82
N GLU A 156 -17.51 18.12 20.10
CA GLU A 156 -16.94 17.22 21.08
C GLU A 156 -17.60 15.86 20.95
N GLY A 157 -17.28 15.16 19.85
CA GLY A 157 -17.95 13.92 19.52
C GLY A 157 -17.10 12.67 19.58
N PHE A 158 -15.94 12.74 20.24
CA PHE A 158 -15.04 11.59 20.28
C PHE A 158 -15.42 10.67 21.41
N TYR A 159 -15.23 9.37 21.19
CA TYR A 159 -15.23 8.40 22.27
C TYR A 159 -13.95 8.48 23.11
N GLY A 160 -13.95 7.82 24.26
CA GLY A 160 -12.77 7.81 25.10
C GLY A 160 -12.90 8.74 26.30
N THR A 161 -11.81 8.85 27.05
CA THR A 161 -11.75 9.71 28.23
C THR A 161 -12.19 11.13 27.87
N PRO A 162 -13.23 11.64 28.57
CA PRO A 162 -13.79 12.94 28.24
C PRO A 162 -12.87 14.09 28.64
N TRP A 163 -13.01 15.23 27.96
CA TRP A 163 -12.40 16.46 28.40
C TRP A 163 -12.96 16.77 29.77
N THR A 164 -12.12 17.35 30.64
CA THR A 164 -12.57 17.83 31.95
C THR A 164 -13.31 19.17 31.78
N HIS A 165 -13.95 19.60 32.86
CA HIS A 165 -14.61 20.93 32.85
C HIS A 165 -13.61 22.04 32.53
N GLN A 166 -12.40 21.95 33.06
CA GLN A 166 -11.38 22.96 32.81
C GLN A 166 -10.83 22.93 31.39
N ASP A 167 -10.77 21.74 30.78
CA ASP A 167 -10.36 21.60 29.38
C ASP A 167 -11.33 22.36 28.49
N ARG A 168 -12.63 22.18 28.76
CA ARG A 168 -13.66 22.80 27.94
C ARG A 168 -13.63 24.31 28.03
N LEU A 169 -13.58 24.83 29.26
CA LEU A 169 -13.38 26.27 29.48
C LEU A 169 -12.16 26.81 28.76
N ASP A 170 -11.04 26.11 28.89
CA ASP A 170 -9.82 26.50 28.15
C ASP A 170 -10.00 26.41 26.62
N GLN A 171 -10.69 25.38 26.15
CA GLN A 171 -10.95 25.21 24.72
C GLN A 171 -11.82 26.37 24.20
N ILE A 172 -12.83 26.70 25.01
CA ILE A 172 -13.77 27.75 24.66
C ILE A 172 -13.04 29.07 24.43
N LYS A 173 -12.02 29.34 25.24
CA LYS A 173 -11.28 30.60 25.14
C LYS A 173 -10.39 30.58 23.92
N PHE A 174 -9.79 29.41 23.68
CA PHE A 174 -8.95 29.18 22.53
C PHE A 174 -9.73 29.36 21.22
N TYR A 175 -10.98 28.89 21.17
CA TYR A 175 -11.79 29.10 19.97
C TYR A 175 -11.99 30.59 19.71
N GLY A 176 -12.45 31.31 20.75
CA GLY A 176 -12.68 32.76 20.62
C GLY A 176 -11.47 33.49 20.08
N GLU A 177 -10.32 33.13 20.64
CA GLU A 177 -9.03 33.71 20.30
C GLU A 177 -8.58 33.42 18.86
N ASN A 178 -9.13 32.37 18.25
CA ASN A 178 -8.80 32.00 16.88
C ASN A 178 -9.98 32.20 15.91
N LYS A 179 -11.05 32.82 16.42
CA LYS A 179 -12.21 33.22 15.62
C LYS A 179 -13.11 32.04 15.24
N LEU A 180 -13.04 30.98 16.04
CA LEU A 180 -13.95 29.84 15.88
C LEU A 180 -15.21 30.17 16.70
N ASN A 181 -16.38 30.10 16.07
CA ASN A 181 -17.62 30.58 16.69
C ASN A 181 -18.63 29.51 17.07
N THR A 182 -18.24 28.24 16.94
CA THR A 182 -19.17 27.13 17.18
C THR A 182 -18.58 26.06 18.08
N TYR A 183 -19.33 25.70 19.10
CA TYR A 183 -18.95 24.58 19.94
C TYR A 183 -20.18 23.75 20.20
N ILE A 184 -20.14 22.52 19.68
CA ILE A 184 -21.22 21.56 19.82
C ILE A 184 -20.97 20.63 21.01
N TYR A 185 -21.73 20.84 22.08
CA TYR A 185 -21.64 20.11 23.31
C TYR A 185 -22.49 18.84 23.23
N ALA A 186 -21.82 17.70 23.14
CA ALA A 186 -22.50 16.42 23.08
C ALA A 186 -21.56 15.33 23.60
N PRO A 187 -20.96 15.55 24.79
CA PRO A 187 -20.00 14.58 25.29
C PRO A 187 -20.70 13.30 25.70
N LYS A 188 -20.12 12.18 25.29
CA LYS A 188 -20.60 10.83 25.59
C LYS A 188 -20.72 10.55 27.09
N ASP A 189 -20.04 11.36 27.90
CA ASP A 189 -20.02 11.20 29.37
C ASP A 189 -21.11 11.96 30.10
N ASP A 190 -21.88 12.76 29.37
CA ASP A 190 -22.97 13.51 29.96
C ASP A 190 -24.27 12.78 29.68
N PRO A 191 -24.86 12.17 30.71
CA PRO A 191 -26.07 11.37 30.53
C PRO A 191 -27.23 12.20 29.99
N TYR A 192 -27.20 13.52 30.20
CA TYR A 192 -28.32 14.37 29.85
C TYR A 192 -28.37 14.73 28.36
N HIS A 193 -27.33 14.36 27.63
CA HIS A 193 -27.36 14.55 26.18
C HIS A 193 -27.95 13.31 25.48
N ARG A 194 -27.94 12.16 26.16
CA ARG A 194 -28.36 10.88 25.55
C ARG A 194 -29.14 9.93 26.48
N GLU A 195 -28.48 9.39 27.50
CA GLU A 195 -29.04 8.33 28.33
C GLU A 195 -30.24 8.83 29.14
N LYS A 196 -30.23 10.14 29.42
CA LYS A 196 -31.33 10.82 30.11
C LYS A 196 -31.77 12.01 29.27
N TRP A 197 -31.87 11.83 27.96
CA TRP A 197 -32.18 12.94 27.05
C TRP A 197 -33.49 13.65 27.35
N ARG A 198 -34.46 12.91 27.90
CA ARG A 198 -35.75 13.50 28.29
C ARG A 198 -35.59 14.47 29.47
N GLU A 199 -34.69 14.12 30.40
CA GLU A 199 -34.62 14.77 31.72
C GLU A 199 -33.92 16.12 31.70
N PRO A 200 -34.60 17.18 32.19
CA PRO A 200 -33.92 18.48 32.34
C PRO A 200 -32.72 18.32 33.27
N TYR A 201 -31.76 19.23 33.18
CA TYR A 201 -30.63 19.21 34.09
C TYR A 201 -31.08 19.41 35.53
N PRO A 202 -30.58 18.55 36.45
CA PRO A 202 -30.86 18.71 37.88
C PRO A 202 -30.05 19.87 38.44
N GLU A 203 -30.48 20.39 39.58
CA GLU A 203 -29.86 21.57 40.16
C GLU A 203 -28.37 21.35 40.43
N SER A 204 -28.01 20.14 40.84
CA SER A 204 -26.61 19.78 41.13
C SER A 204 -25.69 19.77 39.91
N GLU A 205 -26.25 19.98 38.72
CA GLU A 205 -25.45 20.08 37.49
C GLU A 205 -25.52 21.47 36.89
N MET A 206 -26.47 22.26 37.36
CA MET A 206 -26.78 23.58 36.80
C MET A 206 -25.59 24.56 36.70
N GLN A 207 -24.74 24.59 37.73
CA GLN A 207 -23.62 25.54 37.76
C GLN A 207 -22.55 25.24 36.69
N ARG A 208 -22.16 23.96 36.58
CA ARG A 208 -21.20 23.52 35.57
C ARG A 208 -21.67 23.94 34.18
N MET A 209 -22.91 23.58 33.86
CA MET A 209 -23.53 23.94 32.57
C MET A 209 -23.53 25.44 32.34
N GLN A 210 -24.06 26.17 33.31
CA GLN A 210 -24.02 27.64 33.29
C GLN A 210 -22.62 28.20 32.99
N GLU A 211 -21.59 27.62 33.58
CA GLU A 211 -20.21 28.04 33.31
C GLU A 211 -19.80 27.87 31.84
N LEU A 212 -20.21 26.77 31.21
CA LEU A 212 -19.94 26.53 29.80
C LEU A 212 -20.74 27.48 28.91
N ILE A 213 -22.02 27.66 29.26
CA ILE A 213 -22.90 28.57 28.55
C ILE A 213 -22.39 30.01 28.60
N ASN A 214 -21.97 30.46 29.80
CA ASN A 214 -21.46 31.83 29.94
C ASN A 214 -20.14 32.04 29.22
N ALA A 215 -19.21 31.11 29.40
CA ALA A 215 -17.89 31.24 28.79
C ALA A 215 -18.00 31.32 27.27
N SER A 216 -18.85 30.46 26.69
CA SER A 216 -19.09 30.45 25.25
C SER A 216 -19.58 31.79 24.76
N ALA A 217 -20.58 32.33 25.47
CA ALA A 217 -21.15 33.64 25.13
C ALA A 217 -20.10 34.74 25.17
N GLU A 218 -19.30 34.78 26.23
CA GLU A 218 -18.34 35.88 26.34
C GLU A 218 -17.19 35.78 25.35
N ASN A 219 -17.11 34.65 24.65
CA ASN A 219 -16.10 34.44 23.59
C ASN A 219 -16.64 34.42 22.16
N LYS A 220 -17.92 34.79 21.99
CA LYS A 220 -18.61 34.78 20.71
C LYS A 220 -18.73 33.38 20.10
N VAL A 221 -18.88 32.39 20.97
CA VAL A 221 -18.99 31.01 20.55
C VAL A 221 -20.43 30.57 20.74
N ASP A 222 -21.03 30.03 19.69
CA ASP A 222 -22.36 29.46 19.80
C ASP A 222 -22.25 28.12 20.53
N PHE A 223 -22.86 28.05 21.71
CA PHE A 223 -22.94 26.82 22.45
C PHE A 223 -24.10 25.97 21.94
N VAL A 224 -23.79 24.95 21.14
CA VAL A 224 -24.83 24.06 20.59
C VAL A 224 -25.06 22.84 21.48
N PHE A 225 -26.27 22.71 22.00
CA PHE A 225 -26.59 21.53 22.76
C PHE A 225 -27.08 20.38 21.86
N GLY A 226 -26.40 19.23 21.98
CA GLY A 226 -26.64 18.09 21.09
C GLY A 226 -27.43 17.00 21.77
N ILE A 227 -28.57 16.67 21.20
CA ILE A 227 -29.44 15.66 21.78
C ILE A 227 -29.39 14.46 20.86
N SER A 228 -29.17 13.28 21.44
CA SER A 228 -29.24 12.01 20.72
C SER A 228 -30.33 11.18 21.34
N PRO A 229 -31.57 11.34 20.87
CA PRO A 229 -32.68 10.61 21.49
C PRO A 229 -32.82 9.18 20.95
N GLY A 230 -31.97 8.83 19.99
CA GLY A 230 -32.04 7.55 19.28
C GLY A 230 -32.01 6.32 20.15
N ILE A 231 -31.25 6.38 21.25
CA ILE A 231 -31.21 5.28 22.22
C ILE A 231 -32.58 4.67 22.50
N ASP A 232 -33.62 5.50 22.64
CA ASP A 232 -34.95 4.96 23.02
C ASP A 232 -36.17 5.77 22.61
N ILE A 233 -36.00 6.84 21.83
CA ILE A 233 -37.16 7.64 21.42
C ILE A 233 -38.21 6.76 20.74
N ARG A 234 -39.48 7.12 20.94
CA ARG A 234 -40.57 6.41 20.29
C ARG A 234 -41.27 7.36 19.35
N PHE A 235 -41.88 6.81 18.29
CA PHE A 235 -42.48 7.66 17.27
C PHE A 235 -43.99 7.54 17.17
N ASP A 236 -44.52 6.32 17.31
CA ASP A 236 -45.92 6.04 17.03
C ASP A 236 -46.84 6.29 18.22
N GLY A 237 -48.09 6.66 17.94
CA GLY A 237 -49.16 6.69 18.93
C GLY A 237 -48.93 7.66 20.07
N ASP A 238 -49.49 7.32 21.23
CA ASP A 238 -49.43 8.20 22.40
C ASP A 238 -48.00 8.32 22.93
N ALA A 239 -47.26 7.22 22.93
CA ALA A 239 -45.86 7.22 23.41
C ALA A 239 -45.00 8.19 22.59
N GLY A 240 -45.14 8.12 21.26
CA GLY A 240 -44.47 9.04 20.35
C GLY A 240 -44.77 10.50 20.67
N GLU A 241 -46.02 10.78 21.02
CA GLU A 241 -46.43 12.15 21.37
C GLU A 241 -45.76 12.59 22.67
N GLU A 242 -45.84 11.72 23.68
CA GLU A 242 -45.17 11.97 24.95
C GLU A 242 -43.69 12.25 24.75
N ASP A 243 -43.00 11.38 24.03
CA ASP A 243 -41.56 11.56 23.76
C ASP A 243 -41.28 12.86 23.02
N PHE A 244 -42.12 13.21 22.02
CA PHE A 244 -41.96 14.52 21.38
C PHE A 244 -42.11 15.67 22.35
N ASN A 245 -43.11 15.62 23.22
CA ASN A 245 -43.29 16.66 24.24
C ASN A 245 -42.10 16.79 25.20
N HIS A 246 -41.57 15.64 25.63
CA HIS A 246 -40.30 15.60 26.37
C HIS A 246 -39.14 16.31 25.67
N LEU A 247 -39.05 16.17 24.34
CA LEU A 247 -38.02 16.84 23.54
C LEU A 247 -38.19 18.35 23.64
N ILE A 248 -39.44 18.80 23.53
CA ILE A 248 -39.79 20.21 23.75
C ILE A 248 -39.47 20.63 25.19
N THR A 249 -39.98 19.88 26.16
CA THR A 249 -39.71 20.13 27.59
C THR A 249 -38.21 20.32 27.85
N LYS A 250 -37.41 19.34 27.46
CA LYS A 250 -35.94 19.41 27.59
C LYS A 250 -35.33 20.64 26.93
N ALA A 251 -35.74 20.94 25.70
CA ALA A 251 -35.13 22.06 24.96
C ALA A 251 -35.40 23.42 25.58
N GLU A 252 -36.55 23.56 26.24
CA GLU A 252 -36.87 24.83 26.87
C GLU A 252 -36.23 24.96 28.24
N SER A 253 -36.03 23.86 28.94
CA SER A 253 -35.27 23.93 30.20
C SER A 253 -33.83 24.37 29.93
N LEU A 254 -33.33 23.99 28.76
CA LEU A 254 -32.03 24.44 28.26
C LEU A 254 -32.07 25.88 27.78
N TYR A 255 -33.17 26.24 27.11
CA TYR A 255 -33.37 27.62 26.65
C TYR A 255 -33.38 28.58 27.84
N ASP A 256 -34.01 28.15 28.93
CA ASP A 256 -34.07 28.91 30.18
C ASP A 256 -32.69 29.14 30.81
N MET A 257 -31.70 28.32 30.45
CA MET A 257 -30.30 28.53 30.87
C MET A 257 -29.51 29.42 29.92
N GLY A 258 -30.11 29.78 28.79
CA GLY A 258 -29.41 30.59 27.81
C GLY A 258 -28.96 29.89 26.53
N VAL A 259 -29.29 28.60 26.39
CA VAL A 259 -28.94 27.86 25.16
C VAL A 259 -29.78 28.34 23.98
N ARG A 260 -29.12 28.76 22.90
CA ARG A 260 -29.81 29.26 21.71
C ARG A 260 -29.49 28.47 20.41
N SER A 261 -28.71 27.39 20.52
CA SER A 261 -28.44 26.50 19.37
C SER A 261 -28.62 25.05 19.79
N PHE A 262 -29.24 24.26 18.92
CA PHE A 262 -29.53 22.86 19.22
C PHE A 262 -29.16 21.95 18.04
N ALA A 263 -28.75 20.74 18.37
CA ALA A 263 -28.57 19.70 17.35
C ALA A 263 -29.34 18.49 17.80
N ILE A 264 -29.89 17.77 16.83
CA ILE A 264 -30.55 16.50 17.10
C ILE A 264 -29.93 15.42 16.23
N TYR A 265 -29.45 14.36 16.88
CA TYR A 265 -28.65 13.31 16.22
C TYR A 265 -29.48 12.08 15.92
N TRP A 266 -29.40 11.58 14.69
CA TRP A 266 -30.08 10.33 14.34
C TRP A 266 -29.07 9.24 13.97
N ASP A 267 -27.80 9.51 14.28
CA ASP A 267 -26.68 8.68 13.82
C ASP A 267 -26.69 7.25 14.35
N ASP A 268 -27.29 7.04 15.52
CA ASP A 268 -27.15 5.79 16.27
C ASP A 268 -28.45 5.01 16.52
N ILE A 269 -29.55 5.46 15.94
CA ILE A 269 -30.85 4.83 16.16
C ILE A 269 -30.97 3.55 15.30
N GLN A 270 -31.71 2.55 15.78
CA GLN A 270 -31.99 1.37 14.93
C GLN A 270 -33.28 1.50 14.10
N ASP A 271 -34.30 2.15 14.66
CA ASP A 271 -35.50 2.47 13.88
C ASP A 271 -35.11 3.47 12.78
N LYS A 272 -34.53 2.94 11.70
CA LYS A 272 -34.02 3.73 10.57
C LYS A 272 -35.16 4.21 9.65
N SER A 273 -36.01 5.06 10.22
CA SER A 273 -37.17 5.59 9.55
C SER A 273 -36.97 7.04 9.13
N ALA A 274 -36.61 7.27 7.87
CA ALA A 274 -36.30 8.62 7.44
C ALA A 274 -37.47 9.58 7.69
N ALA A 275 -38.67 9.16 7.28
CA ALA A 275 -39.84 10.05 7.41
C ALA A 275 -40.06 10.47 8.87
N LYS A 276 -39.99 9.53 9.79
CA LYS A 276 -40.18 9.86 11.21
C LYS A 276 -39.07 10.75 11.80
N HIS A 277 -37.83 10.57 11.32
CA HIS A 277 -36.74 11.38 11.83
C HIS A 277 -36.98 12.83 11.46
N ALA A 278 -37.28 13.03 10.18
CA ALA A 278 -37.53 14.36 9.65
C ALA A 278 -38.84 14.98 10.21
N GLN A 279 -39.85 14.15 10.47
CA GLN A 279 -41.09 14.67 11.09
C GLN A 279 -40.79 15.30 12.46
N VAL A 280 -40.05 14.58 13.31
CA VAL A 280 -39.65 15.13 14.60
C VAL A 280 -38.85 16.43 14.41
N LEU A 281 -37.94 16.46 13.43
CA LEU A 281 -37.15 17.67 13.15
C LEU A 281 -38.01 18.82 12.68
N ASN A 282 -38.93 18.54 11.76
CA ASN A 282 -39.83 19.59 11.25
C ASN A 282 -40.73 20.16 12.34
N ARG A 283 -41.25 19.29 13.20
CA ARG A 283 -42.16 19.73 14.25
C ARG A 283 -41.42 20.49 15.37
N PHE A 284 -40.23 20.01 15.74
CA PHE A 284 -39.36 20.73 16.65
C PHE A 284 -39.04 22.11 16.08
N ASN A 285 -38.77 22.16 14.78
CA ASN A 285 -38.41 23.42 14.10
C ASN A 285 -39.55 24.44 14.13
N GLU A 286 -40.76 23.96 13.91
CA GLU A 286 -41.95 24.80 13.97
C GLU A 286 -42.20 25.19 15.44
N GLU A 287 -42.43 24.19 16.29
CA GLU A 287 -42.95 24.42 17.64
C GLU A 287 -41.94 25.01 18.63
N PHE A 288 -40.65 24.95 18.30
CA PHE A 288 -39.65 25.47 19.21
C PHE A 288 -38.77 26.53 18.58
N VAL A 289 -37.96 26.13 17.61
CA VAL A 289 -37.01 27.03 16.98
C VAL A 289 -37.71 28.31 16.52
N LYS A 290 -38.69 28.18 15.63
CA LYS A 290 -39.37 29.36 15.06
C LYS A 290 -40.25 30.10 16.07
N ALA A 291 -40.95 29.33 16.92
CA ALA A 291 -41.71 29.88 18.04
C ALA A 291 -40.90 30.82 18.92
N LYS A 292 -39.61 30.53 19.10
CA LYS A 292 -38.74 31.32 20.00
C LYS A 292 -38.15 32.56 19.36
N GLY A 293 -37.88 32.51 18.05
CA GLY A 293 -37.39 33.68 17.31
C GLY A 293 -35.91 34.03 17.42
N ASP A 294 -35.29 33.69 18.55
CA ASP A 294 -33.85 33.93 18.73
C ASP A 294 -33.00 32.65 18.84
N VAL A 295 -33.60 31.51 18.47
CA VAL A 295 -32.89 30.23 18.38
C VAL A 295 -32.30 30.10 16.98
N LYS A 296 -31.05 29.64 16.89
CA LYS A 296 -30.35 29.50 15.62
C LYS A 296 -30.86 28.30 14.81
N PRO A 297 -30.54 28.24 13.50
CA PRO A 297 -31.09 27.12 12.71
C PRO A 297 -30.78 25.74 13.30
N LEU A 298 -31.78 24.85 13.33
CA LEU A 298 -31.66 23.50 13.87
C LEU A 298 -30.59 22.71 13.10
N ILE A 299 -29.79 21.95 13.85
CA ILE A 299 -28.73 21.16 13.27
C ILE A 299 -29.08 19.69 13.40
N THR A 300 -28.75 18.90 12.37
CA THR A 300 -29.04 17.48 12.43
C THR A 300 -28.00 16.60 11.75
N VAL A 301 -27.89 15.39 12.29
CA VAL A 301 -27.10 14.33 11.66
C VAL A 301 -28.06 13.20 11.31
N PRO A 302 -28.26 12.92 10.01
CA PRO A 302 -29.12 11.82 9.58
C PRO A 302 -28.44 10.49 9.87
N THR A 303 -29.21 9.41 9.94
CA THR A 303 -28.66 8.09 10.19
C THR A 303 -27.62 7.71 9.12
N GLU A 304 -27.87 8.13 7.88
CA GLU A 304 -26.85 8.02 6.84
C GLU A 304 -26.13 9.37 6.75
N TYR A 305 -24.85 9.38 7.08
CA TYR A 305 -24.16 10.66 7.23
C TYR A 305 -22.79 10.74 6.56
N ASP A 306 -22.42 9.72 5.78
CA ASP A 306 -21.22 9.81 4.95
C ASP A 306 -21.63 9.38 3.57
N THR A 307 -20.92 9.86 2.56
CA THR A 307 -21.34 9.61 1.17
C THR A 307 -21.56 8.13 0.89
N GLY A 308 -20.70 7.25 1.43
CA GLY A 308 -20.84 5.81 1.19
C GLY A 308 -22.14 5.21 1.74
N ALA A 309 -22.64 5.77 2.84
CA ALA A 309 -23.91 5.33 3.42
C ALA A 309 -25.11 6.06 2.82
N MET A 310 -24.86 7.17 2.12
CA MET A 310 -25.92 8.06 1.64
C MET A 310 -26.25 7.85 0.16
N VAL A 311 -25.28 7.35 -0.59
CA VAL A 311 -25.40 7.36 -2.03
C VAL A 311 -25.07 5.99 -2.64
N SER A 312 -25.84 5.60 -3.65
CA SER A 312 -25.41 4.51 -4.54
C SER A 312 -25.50 4.92 -6.00
N ASN A 313 -24.40 4.79 -6.73
CA ASN A 313 -24.32 5.19 -8.14
C ASN A 313 -24.88 6.59 -8.44
N GLY A 314 -24.30 7.61 -7.83
CA GLY A 314 -24.74 9.00 -8.04
C GLY A 314 -26.12 9.38 -7.54
N GLN A 315 -26.84 8.45 -6.94
CA GLN A 315 -28.20 8.73 -6.47
C GLN A 315 -28.34 8.46 -4.98
N PRO A 316 -29.25 9.18 -4.28
CA PRO A 316 -29.41 8.90 -2.86
C PRO A 316 -30.00 7.51 -2.64
N ARG A 317 -29.57 6.87 -1.54
CA ARG A 317 -30.19 5.65 -1.06
C ARG A 317 -31.60 5.94 -0.53
N ALA A 318 -32.36 4.89 -0.23
CA ALA A 318 -33.73 4.99 0.22
C ALA A 318 -33.93 5.98 1.38
N TYR A 319 -33.17 5.80 2.46
CA TYR A 319 -33.27 6.63 3.66
C TYR A 319 -32.96 8.09 3.36
N THR A 320 -31.83 8.33 2.68
CA THR A 320 -31.38 9.68 2.35
C THR A 320 -32.34 10.39 1.38
N ARG A 321 -32.88 9.65 0.42
CA ARG A 321 -33.83 10.21 -0.52
C ARG A 321 -35.04 10.75 0.23
N ILE A 322 -35.59 9.94 1.13
CA ILE A 322 -36.77 10.33 1.91
C ILE A 322 -36.48 11.45 2.91
N PHE A 323 -35.32 11.35 3.58
CA PHE A 323 -34.91 12.37 4.56
C PHE A 323 -34.69 13.71 3.86
N ALA A 324 -33.98 13.72 2.74
CA ALA A 324 -33.76 14.96 1.98
C ALA A 324 -35.08 15.58 1.45
N GLU A 325 -36.02 14.74 1.03
CA GLU A 325 -37.34 15.20 0.56
C GLU A 325 -38.24 15.73 1.69
N THR A 326 -38.05 15.24 2.90
CA THR A 326 -38.94 15.58 4.01
C THR A 326 -38.46 16.73 4.92
N VAL A 327 -37.15 16.82 5.14
CA VAL A 327 -36.59 17.77 6.10
C VAL A 327 -36.64 19.22 5.61
N ASP A 328 -37.18 20.11 6.47
CA ASP A 328 -37.33 21.54 6.16
C ASP A 328 -36.03 22.16 5.67
N PRO A 329 -36.10 23.02 4.63
CA PRO A 329 -34.92 23.68 4.06
C PRO A 329 -34.09 24.51 5.05
N SER A 330 -34.71 24.97 6.13
CA SER A 330 -34.00 25.78 7.13
C SER A 330 -33.07 24.96 8.05
N ILE A 331 -33.02 23.64 7.85
CA ILE A 331 -32.28 22.78 8.77
C ILE A 331 -30.84 22.51 8.29
N GLU A 332 -29.87 22.67 9.18
CA GLU A 332 -28.48 22.32 8.86
C GLU A 332 -28.35 20.80 8.88
N VAL A 333 -27.87 20.23 7.79
CA VAL A 333 -27.67 18.80 7.70
C VAL A 333 -26.19 18.51 7.64
N MET A 334 -25.71 17.66 8.55
CA MET A 334 -24.28 17.35 8.65
C MET A 334 -23.92 16.05 7.93
N TRP A 335 -22.81 16.07 7.21
CA TRP A 335 -22.20 14.84 6.70
C TRP A 335 -20.68 14.89 6.91
N THR A 336 -20.03 13.74 6.80
CA THR A 336 -18.60 13.65 7.13
C THR A 336 -17.66 13.63 5.91
N GLY A 337 -18.24 13.66 4.72
CA GLY A 337 -17.45 13.51 3.51
C GLY A 337 -17.73 12.13 2.94
N PRO A 338 -16.87 11.66 2.00
CA PRO A 338 -16.96 10.36 1.34
C PRO A 338 -16.98 9.14 2.27
N GLY A 339 -16.43 9.26 3.49
CA GLY A 339 -16.46 8.18 4.50
C GLY A 339 -16.52 8.82 5.88
N VAL A 340 -16.75 8.02 6.91
CA VAL A 340 -16.72 8.52 8.29
C VAL A 340 -15.36 9.15 8.63
N VAL A 341 -14.28 8.42 8.32
CA VAL A 341 -12.92 8.94 8.43
C VAL A 341 -12.25 8.64 7.08
N THR A 342 -11.89 9.70 6.36
CA THR A 342 -11.56 9.60 4.97
C THR A 342 -10.51 10.62 4.52
N ASN A 343 -9.79 10.28 3.47
CA ASN A 343 -8.72 11.13 2.95
C ASN A 343 -9.14 12.57 2.59
N GLU A 344 -10.27 12.71 1.90
CA GLU A 344 -10.58 13.98 1.25
C GLU A 344 -12.06 14.32 1.30
N ILE A 345 -12.37 15.60 1.19
CA ILE A 345 -13.69 16.02 0.70
C ILE A 345 -13.43 16.82 -0.59
N PRO A 346 -13.37 16.15 -1.75
CA PRO A 346 -13.20 16.93 -2.99
C PRO A 346 -14.49 17.70 -3.32
N LEU A 347 -14.35 18.74 -4.15
CA LEU A 347 -15.48 19.57 -4.54
C LEU A 347 -16.67 18.72 -5.01
N SER A 348 -16.37 17.72 -5.83
CA SER A 348 -17.41 16.86 -6.42
C SER A 348 -18.25 16.13 -5.38
N ASP A 349 -17.64 15.76 -4.25
CA ASP A 349 -18.40 15.13 -3.16
C ASP A 349 -19.37 16.12 -2.52
N ALA A 350 -18.92 17.35 -2.31
CA ALA A 350 -19.77 18.34 -1.66
C ALA A 350 -20.94 18.71 -2.59
N GLN A 351 -20.62 18.90 -3.87
CA GLN A 351 -21.61 19.17 -4.92
C GLN A 351 -22.70 18.08 -4.95
N LEU A 352 -22.25 16.82 -4.90
CA LEU A 352 -23.16 15.69 -4.94
C LEU A 352 -24.15 15.75 -3.77
N ILE A 353 -23.62 15.90 -2.55
CA ILE A 353 -24.45 15.79 -1.36
C ILE A 353 -25.30 17.05 -1.23
N SER A 354 -24.70 18.20 -1.54
CA SER A 354 -25.44 19.46 -1.61
C SER A 354 -26.60 19.42 -2.62
N GLY A 355 -26.34 18.88 -3.82
CA GLY A 355 -27.40 18.63 -4.80
C GLY A 355 -28.55 17.81 -4.23
N ILE A 356 -28.25 16.70 -3.58
CA ILE A 356 -29.27 15.83 -2.97
C ILE A 356 -30.14 16.57 -1.95
N TYR A 357 -29.51 17.35 -1.07
CA TYR A 357 -30.23 18.07 -0.03
C TYR A 357 -30.67 19.49 -0.44
N ASN A 358 -30.32 19.92 -1.65
CA ASN A 358 -30.72 21.23 -2.20
C ASN A 358 -30.42 22.41 -1.30
N ARG A 359 -29.21 22.40 -0.73
CA ARG A 359 -28.74 23.48 0.15
C ARG A 359 -27.29 23.29 0.49
N ASN A 360 -26.75 24.31 1.14
CA ASN A 360 -25.42 24.26 1.71
C ASN A 360 -25.41 23.31 2.89
N MET A 361 -24.37 22.47 2.93
CA MET A 361 -24.27 21.43 3.95
C MET A 361 -23.43 21.86 5.15
N ALA A 362 -23.58 21.08 6.22
CA ALA A 362 -22.69 21.19 7.37
C ALA A 362 -21.72 20.02 7.34
N VAL A 363 -20.46 20.30 7.65
CA VAL A 363 -19.41 19.28 7.68
C VAL A 363 -19.05 18.90 9.11
N TRP A 364 -19.02 17.59 9.37
CA TRP A 364 -18.47 17.02 10.60
C TRP A 364 -17.20 16.30 10.16
N TRP A 365 -16.03 16.87 10.46
CA TRP A 365 -14.77 16.35 9.93
C TRP A 365 -14.00 15.59 11.00
N ASN A 366 -13.98 14.27 10.86
CA ASN A 366 -13.31 13.37 11.81
C ASN A 366 -11.79 13.39 11.72
N TYR A 367 -11.23 14.56 11.99
CA TYR A 367 -9.79 14.78 12.13
C TYR A 367 -9.71 16.06 12.96
N PRO A 368 -8.89 16.06 14.03
CA PRO A 368 -7.86 15.06 14.38
C PRO A 368 -8.27 13.94 15.34
N VAL A 369 -9.58 13.74 15.56
CA VAL A 369 -10.07 12.66 16.42
C VAL A 369 -9.29 11.35 16.23
N THR A 370 -8.99 10.67 17.34
CA THR A 370 -8.18 9.45 17.28
C THR A 370 -8.82 8.28 18.00
N ASP A 371 -10.10 8.39 18.35
CA ASP A 371 -10.79 7.35 19.14
C ASP A 371 -10.71 5.95 18.52
N TYR A 372 -10.66 5.89 17.20
CA TYR A 372 -10.58 4.62 16.45
C TYR A 372 -9.14 4.04 16.35
N PHE A 373 -8.13 4.80 16.78
CA PHE A 373 -6.73 4.32 16.71
C PHE A 373 -5.91 5.10 17.72
N LYS A 374 -6.21 4.87 19.00
CA LYS A 374 -5.81 5.77 20.11
C LYS A 374 -4.32 5.84 20.37
N GLY A 375 -3.58 4.81 19.95
CA GLY A 375 -2.13 4.81 20.14
C GLY A 375 -1.41 5.95 19.42
N LYS A 376 -2.05 6.49 18.38
CA LYS A 376 -1.42 7.54 17.58
C LYS A 376 -2.10 8.88 17.82
N LEU A 377 -1.27 9.92 17.93
CA LEU A 377 -1.74 11.29 18.01
C LEU A 377 -1.84 11.91 16.61
N ALA A 378 -2.90 12.64 16.36
CA ALA A 378 -3.09 13.29 15.07
C ALA A 378 -2.71 14.76 15.19
N LEU A 379 -1.53 15.07 14.66
CA LEU A 379 -0.86 16.34 14.89
C LEU A 379 -0.61 17.13 13.61
N GLY A 380 -1.28 16.74 12.54
CA GLY A 380 -1.13 17.45 11.26
C GLY A 380 -2.25 18.45 11.01
N PRO A 381 -2.14 19.18 9.90
CA PRO A 381 -3.11 20.24 9.59
C PRO A 381 -4.34 19.69 8.90
N MET A 382 -5.39 20.47 8.77
CA MET A 382 -6.48 20.12 7.85
C MET A 382 -5.86 19.71 6.51
N HIS A 383 -6.29 18.57 5.98
CA HIS A 383 -5.67 18.06 4.76
C HIS A 383 -6.68 17.30 3.95
N GLY A 384 -6.68 17.51 2.64
CA GLY A 384 -7.66 16.91 1.75
C GLY A 384 -9.00 17.60 1.59
N LEU A 385 -9.23 18.71 2.30
CA LEU A 385 -10.51 19.44 2.16
C LEU A 385 -10.38 20.48 1.07
N ASP A 386 -11.19 20.33 0.02
CA ASP A 386 -11.14 21.21 -1.16
C ASP A 386 -11.26 22.67 -0.75
N LYS A 387 -10.43 23.51 -1.35
CA LYS A 387 -10.40 24.94 -1.02
C LYS A 387 -11.59 25.73 -1.60
N GLY A 388 -12.44 25.04 -2.38
CA GLY A 388 -13.66 25.65 -2.91
C GLY A 388 -14.91 25.16 -2.21
N LEU A 389 -14.74 24.49 -1.08
CA LEU A 389 -15.82 23.81 -0.40
C LEU A 389 -16.98 24.72 0.03
N ASN A 390 -16.65 25.99 0.26
CA ASN A 390 -17.58 27.03 0.71
C ASN A 390 -18.73 27.29 -0.27
N GLN A 391 -18.50 26.96 -1.53
CA GLN A 391 -19.55 26.93 -2.52
C GLN A 391 -20.73 26.04 -2.07
N TYR A 392 -20.43 24.94 -1.38
CA TYR A 392 -21.47 23.98 -1.00
C TYR A 392 -21.65 23.75 0.50
N VAL A 393 -20.81 24.41 1.30
CA VAL A 393 -20.77 24.22 2.74
C VAL A 393 -20.77 25.59 3.43
N ASP A 394 -21.70 25.77 4.37
CA ASP A 394 -21.80 27.00 5.18
C ASP A 394 -21.45 26.82 6.66
N PHE A 395 -21.14 25.59 7.04
CA PHE A 395 -20.99 25.17 8.41
C PHE A 395 -19.85 24.12 8.45
N PHE A 396 -18.79 24.41 9.18
CA PHE A 396 -17.63 23.51 9.24
C PHE A 396 -17.17 23.19 10.65
N THR A 397 -17.22 21.92 11.03
CA THR A 397 -16.71 21.52 12.35
C THR A 397 -15.71 20.37 12.30
N VAL A 398 -14.84 20.32 13.30
CA VAL A 398 -13.91 19.22 13.46
C VAL A 398 -14.17 18.48 14.75
N ASN A 399 -14.00 17.17 14.68
CA ASN A 399 -14.04 16.30 15.84
C ASN A 399 -12.58 16.11 16.31
N PRO A 400 -12.26 16.55 17.53
CA PRO A 400 -10.87 16.53 17.97
C PRO A 400 -10.50 15.28 18.77
N MET A 401 -9.28 15.23 19.30
CA MET A 401 -8.88 14.10 20.12
C MET A 401 -9.42 14.25 21.55
N GLU A 402 -9.42 13.16 22.30
CA GLU A 402 -9.59 13.21 23.74
C GLU A 402 -8.46 14.04 24.36
N HIS A 403 -7.36 14.18 23.61
CA HIS A 403 -6.18 14.95 24.02
C HIS A 403 -6.42 16.41 23.67
N ALA A 404 -7.04 17.12 24.61
CA ALA A 404 -7.44 18.51 24.41
C ALA A 404 -6.29 19.44 23.99
N GLU A 405 -5.15 19.34 24.67
CA GLU A 405 -4.05 20.31 24.45
C GLU A 405 -3.42 20.13 23.08
N LEU A 406 -3.08 18.88 22.75
CA LEU A 406 -2.45 18.58 21.47
C LEU A 406 -3.42 18.74 20.30
N SER A 407 -4.73 18.68 20.57
CA SER A 407 -5.73 18.92 19.53
C SER A 407 -5.65 20.35 19.01
N LYS A 408 -5.11 21.27 19.82
CA LYS A 408 -4.97 22.67 19.40
C LYS A 408 -4.17 22.85 18.11
N ILE A 409 -3.20 21.97 17.84
CA ILE A 409 -2.38 22.16 16.62
C ILE A 409 -3.30 22.09 15.40
N SER A 410 -3.99 20.97 15.27
CA SER A 410 -4.86 20.77 14.15
C SER A 410 -6.05 21.76 14.14
N ILE A 411 -6.61 22.04 15.33
CA ILE A 411 -7.78 22.92 15.48
C ILE A 411 -7.42 24.33 15.02
N HIS A 412 -6.20 24.71 15.35
CA HIS A 412 -5.63 25.98 14.92
C HIS A 412 -5.61 26.11 13.39
N THR A 413 -5.27 25.03 12.69
CA THR A 413 -5.25 25.08 11.22
C THR A 413 -6.68 25.05 10.65
N ALA A 414 -7.62 24.48 11.40
CA ALA A 414 -9.03 24.44 10.99
C ALA A 414 -9.63 25.86 10.99
N ALA A 415 -9.24 26.64 12.00
CA ALA A 415 -9.60 28.05 12.14
C ALA A 415 -9.18 28.83 10.90
N ASP A 416 -7.97 28.58 10.44
CA ASP A 416 -7.46 29.27 9.26
C ASP A 416 -8.18 28.83 7.99
N TYR A 417 -8.38 27.52 7.85
CA TYR A 417 -9.02 26.96 6.67
C TYR A 417 -10.47 27.49 6.54
N SER A 418 -11.20 27.52 7.65
CA SER A 418 -12.59 27.92 7.64
C SER A 418 -12.79 29.46 7.60
N TRP A 419 -11.81 30.22 8.09
CA TRP A 419 -11.90 31.69 8.04
C TRP A 419 -11.35 32.27 6.75
N ASN A 420 -10.29 31.68 6.24
CA ASN A 420 -9.68 32.14 5.00
C ASN A 420 -9.37 30.93 4.11
N MET A 421 -10.41 30.37 3.49
CA MET A 421 -10.29 29.11 2.77
C MET A 421 -9.46 29.22 1.51
N ASP A 422 -9.65 30.30 0.76
CA ASP A 422 -9.04 30.42 -0.56
C ASP A 422 -7.50 30.50 -0.48
N ASN A 423 -6.99 31.04 0.62
CA ASN A 423 -5.55 31.18 0.81
C ASN A 423 -4.89 30.07 1.67
N TYR A 424 -5.70 29.13 2.15
CA TYR A 424 -5.20 28.06 3.05
C TYR A 424 -4.11 27.20 2.38
N ASP A 425 -2.95 27.16 3.03
CA ASP A 425 -1.81 26.36 2.61
C ASP A 425 -1.47 25.47 3.80
N TYR A 426 -1.75 24.16 3.69
CA TYR A 426 -1.70 23.27 4.87
C TYR A 426 -0.34 23.21 5.56
N ASP A 427 0.74 23.28 4.78
CA ASP A 427 2.11 23.27 5.33
C ASP A 427 2.42 24.53 6.12
N LYS A 428 2.15 25.69 5.54
CA LYS A 428 2.39 26.95 6.23
C LYS A 428 1.46 27.09 7.42
N ALA A 429 0.21 26.68 7.27
CA ALA A 429 -0.72 26.66 8.40
C ALA A 429 -0.16 25.78 9.53
N TRP A 430 0.36 24.60 9.17
CA TRP A 430 0.90 23.63 10.16
C TRP A 430 2.12 24.19 10.90
N ASN A 431 3.06 24.76 10.15
CA ASN A 431 4.20 25.48 10.73
C ASN A 431 3.83 26.62 11.68
N ARG A 432 2.87 27.44 11.24
CA ARG A 432 2.39 28.57 12.02
C ARG A 432 1.73 28.12 13.34
N ALA A 433 0.90 27.08 13.27
CA ALA A 433 0.21 26.59 14.46
C ALA A 433 1.20 26.22 15.56
N ILE A 434 2.26 25.50 15.18
CA ILE A 434 3.25 25.04 16.14
C ILE A 434 4.17 26.18 16.60
N ASP A 435 4.46 27.11 15.71
CA ASP A 435 5.22 28.31 16.07
C ASP A 435 4.47 29.12 17.11
N MET A 436 3.18 29.35 16.86
CA MET A 436 2.37 30.17 17.75
C MET A 436 2.06 29.47 19.08
N LEU A 437 2.00 28.14 19.07
CA LEU A 437 1.63 27.41 20.29
C LEU A 437 2.85 27.00 21.12
N TYR A 438 3.98 26.76 20.48
CA TYR A 438 5.08 26.14 21.21
C TYR A 438 6.29 27.03 21.44
N GLY A 439 6.21 28.28 20.96
CA GLY A 439 7.26 29.28 21.20
C GLY A 439 8.67 28.79 20.94
N ASP A 440 9.47 28.68 22.01
CA ASP A 440 10.88 28.29 21.89
C ASP A 440 11.10 26.81 21.56
N LEU A 441 10.13 25.97 21.92
CA LEU A 441 10.19 24.55 21.58
C LEU A 441 9.55 24.24 20.24
N ALA A 442 9.18 25.26 19.47
CA ALA A 442 8.50 25.03 18.18
C ALA A 442 9.28 24.12 17.22
N GLU A 443 10.59 24.37 17.08
CA GLU A 443 11.38 23.58 16.15
C GLU A 443 11.46 22.10 16.52
N ASP A 444 11.68 21.80 17.80
CA ASP A 444 11.71 20.41 18.28
C ASP A 444 10.34 19.74 18.16
N MET A 445 9.29 20.46 18.50
CA MET A 445 7.92 19.96 18.33
C MET A 445 7.66 19.60 16.88
N LYS A 446 8.18 20.40 15.95
CA LYS A 446 8.00 20.13 14.52
C LYS A 446 8.62 18.82 14.09
N VAL A 447 9.80 18.51 14.62
CA VAL A 447 10.50 17.28 14.30
C VAL A 447 9.65 16.07 14.70
N PHE A 448 9.12 16.12 15.92
CA PHE A 448 8.27 15.08 16.47
C PHE A 448 6.91 15.00 15.76
N ALA A 449 6.20 16.11 15.71
CA ALA A 449 4.85 16.13 15.12
C ALA A 449 4.83 15.78 13.62
N ASN A 450 5.89 16.14 12.90
CA ASN A 450 6.08 15.76 11.50
C ASN A 450 5.93 14.25 11.25
N HIS A 451 6.19 13.46 12.30
CA HIS A 451 6.15 12.01 12.21
C HIS A 451 4.78 11.47 12.61
N SER A 452 3.85 12.37 12.96
CA SER A 452 2.59 11.95 13.55
C SER A 452 1.39 12.72 12.98
N THR A 453 1.27 12.71 11.66
CA THR A 453 0.17 13.41 11.00
C THR A 453 -0.81 12.44 10.33
N ARG A 454 -0.32 11.27 9.93
CA ARG A 454 -1.14 10.32 9.19
C ARG A 454 -1.90 9.37 10.08
N MET A 455 -3.23 9.35 9.95
CA MET A 455 -4.06 8.41 10.68
C MET A 455 -4.52 7.27 9.78
N ASP A 456 -4.46 6.02 10.27
CA ASP A 456 -4.80 4.85 9.47
C ASP A 456 -4.89 3.62 10.35
N ASN A 457 -6.10 3.10 10.51
CA ASN A 457 -6.36 1.95 11.38
C ASN A 457 -6.19 0.64 10.65
N LYS A 458 -5.73 0.71 9.40
CA LYS A 458 -5.44 -0.45 8.54
C LYS A 458 -6.69 -1.08 7.92
N THR A 459 -7.86 -0.49 8.20
CA THR A 459 -9.11 -0.98 7.63
C THR A 459 -9.95 0.14 7.03
N TRP A 460 -10.91 0.65 7.80
CA TRP A 460 -11.93 1.56 7.26
C TRP A 460 -11.59 3.04 7.46
N ALA A 461 -10.66 3.34 8.36
CA ALA A 461 -10.39 4.73 8.75
C ALA A 461 -8.99 5.18 8.38
N LYS A 462 -8.94 6.18 7.49
CA LYS A 462 -7.68 6.81 7.13
C LYS A 462 -7.88 8.27 6.74
N SER A 463 -6.99 9.13 7.24
CA SER A 463 -7.00 10.54 6.91
C SER A 463 -5.70 11.20 7.35
N GLY A 464 -5.34 12.27 6.67
CA GLY A 464 -4.25 13.13 7.11
C GLY A 464 -3.10 13.17 6.14
N ARG A 465 -2.28 14.21 6.29
CA ARG A 465 -1.02 14.35 5.55
C ARG A 465 -0.14 13.16 5.91
N GLU A 466 0.55 12.60 4.92
CA GLU A 466 1.54 11.54 5.16
C GLU A 466 2.57 11.95 6.24
N ASP A 467 3.09 10.96 6.97
CA ASP A 467 4.15 11.22 7.94
C ASP A 467 5.43 11.60 7.23
N ALA A 468 6.18 12.53 7.83
CA ALA A 468 7.55 12.87 7.42
C ALA A 468 7.87 12.61 5.94
N PRO A 469 7.21 13.34 5.02
CA PRO A 469 7.32 12.97 3.59
C PRO A 469 8.72 13.16 2.99
N GLU A 470 9.44 14.18 3.45
CA GLU A 470 10.78 14.47 2.94
C GLU A 470 11.80 13.39 3.34
N LEU A 471 11.68 12.88 4.57
CA LEU A 471 12.53 11.80 5.06
C LEU A 471 12.15 10.50 4.32
N ARG A 472 10.86 10.33 4.08
CA ARG A 472 10.38 9.21 3.28
C ARG A 472 10.99 9.22 1.88
N ALA A 473 11.10 10.39 1.25
CA ALA A 473 11.67 10.51 -0.09
C ALA A 473 13.16 10.17 -0.03
N LYS A 474 13.86 10.62 1.01
CA LYS A 474 15.28 10.32 1.21
C LYS A 474 15.58 8.82 1.41
N MET A 475 14.77 8.16 2.22
CA MET A 475 14.84 6.70 2.43
C MET A 475 14.63 5.96 1.11
N ASP A 476 13.62 6.39 0.34
CA ASP A 476 13.40 5.80 -0.99
C ASP A 476 14.62 5.92 -1.89
N GLU A 477 15.26 7.08 -1.87
CA GLU A 477 16.47 7.32 -2.69
C GLU A 477 17.63 6.42 -2.25
N LEU A 478 17.74 6.16 -0.94
CA LEU A 478 18.80 5.30 -0.42
C LEU A 478 18.68 3.90 -1.00
N TRP A 479 17.46 3.37 -1.01
CA TRP A 479 17.24 2.05 -1.57
C TRP A 479 17.50 2.00 -3.08
N ASN A 480 17.05 3.01 -3.82
CA ASN A 480 17.35 3.10 -5.24
C ASN A 480 18.84 3.08 -5.51
N LYS A 481 19.58 3.93 -4.79
CA LYS A 481 21.02 4.02 -4.96
C LYS A 481 21.71 2.71 -4.61
N LEU A 482 21.37 2.16 -3.44
CA LEU A 482 21.97 0.89 -3.02
C LEU A 482 21.65 -0.26 -3.96
N SER A 483 20.48 -0.23 -4.58
CA SER A 483 20.11 -1.36 -5.43
C SER A 483 20.58 -1.17 -6.87
N SER A 484 21.08 0.04 -7.18
CA SER A 484 21.62 0.38 -8.49
C SER A 484 23.16 0.43 -8.46
N LYS A 485 23.76 -0.04 -7.37
CA LYS A 485 25.21 0.02 -7.18
C LYS A 485 25.74 1.45 -7.28
N GLU A 486 24.96 2.44 -6.89
CA GLU A 486 25.42 3.84 -6.85
C GLU A 486 25.93 4.19 -5.45
N ASP A 487 26.84 5.16 -5.37
CA ASP A 487 27.44 5.56 -4.10
C ASP A 487 26.45 6.31 -3.20
N ALA A 488 26.23 5.79 -2.00
CA ALA A 488 25.21 6.36 -1.11
C ALA A 488 25.81 6.99 0.14
N SER A 489 27.13 7.05 0.19
CA SER A 489 27.85 7.46 1.40
C SER A 489 27.41 8.82 1.93
N ALA A 490 27.22 9.81 1.04
CA ALA A 490 26.73 11.13 1.47
C ALA A 490 25.28 11.10 1.97
N LEU A 491 24.44 10.27 1.35
CA LEU A 491 23.06 10.13 1.80
C LEU A 491 22.95 9.38 3.14
N ILE A 492 23.76 8.33 3.30
CA ILE A 492 23.80 7.56 4.55
C ILE A 492 24.14 8.49 5.70
N GLU A 493 25.16 9.31 5.46
CA GLU A 493 25.63 10.33 6.39
C GLU A 493 24.52 11.30 6.77
N GLU A 494 23.80 11.78 5.75
CA GLU A 494 22.69 12.71 5.94
C GLU A 494 21.60 12.10 6.82
N LEU A 495 21.28 10.83 6.54
CA LEU A 495 20.26 10.11 7.29
C LEU A 495 20.64 9.84 8.76
N TYR A 496 21.91 9.55 9.01
CA TYR A 496 22.37 9.47 10.42
C TYR A 496 22.03 10.77 11.13
N GLY A 497 22.30 11.90 10.46
CA GLY A 497 21.94 13.22 10.97
C GLY A 497 20.45 13.31 11.26
N GLU A 498 19.62 12.84 10.31
CA GLU A 498 18.17 12.89 10.50
C GLU A 498 17.72 12.13 11.75
N PHE A 499 18.28 10.94 11.93
CA PHE A 499 17.90 10.06 13.04
C PHE A 499 18.41 10.54 14.40
N ALA A 500 19.62 11.08 14.43
CA ALA A 500 20.15 11.70 15.66
C ALA A 500 19.25 12.87 16.06
N ARG A 501 18.79 13.63 15.06
CA ARG A 501 17.98 14.83 15.32
C ARG A 501 16.56 14.48 15.84
N MET A 502 15.96 13.43 15.31
CA MET A 502 14.72 12.87 15.87
C MET A 502 14.89 12.59 17.38
N GLU A 503 15.93 11.82 17.73
CA GLU A 503 16.17 11.45 19.10
C GLU A 503 16.41 12.67 19.99
N GLU A 504 17.27 13.59 19.53
CA GLU A 504 17.59 14.80 20.28
C GLU A 504 16.35 15.69 20.53
N ALA A 505 15.53 15.92 19.51
CA ALA A 505 14.34 16.74 19.64
C ALA A 505 13.35 16.12 20.62
N CYS A 506 13.17 14.79 20.53
CA CYS A 506 12.27 14.10 21.43
C CYS A 506 12.79 14.16 22.87
N ASN A 507 14.09 13.98 23.08
CA ASN A 507 14.66 14.16 24.42
C ASN A 507 14.47 15.56 24.97
N ASN A 508 14.63 16.54 24.10
CA ASN A 508 14.34 17.92 24.43
C ASN A 508 12.91 18.16 24.88
N LEU A 509 11.98 17.61 24.10
CA LEU A 509 10.57 17.75 24.40
C LEU A 509 10.24 17.09 25.72
N LYS A 510 10.83 15.93 25.97
CA LYS A 510 10.66 15.27 27.26
C LYS A 510 11.10 16.17 28.41
N ALA A 511 12.23 16.85 28.25
CA ALA A 511 12.76 17.64 29.37
C ALA A 511 12.07 18.99 29.52
N ASN A 512 11.54 19.53 28.42
CA ASN A 512 11.10 20.93 28.43
C ASN A 512 9.62 21.21 28.16
N LEU A 513 8.86 20.25 27.60
CA LEU A 513 7.42 20.47 27.36
C LEU A 513 6.67 20.76 28.65
N PRO A 514 5.68 21.65 28.58
CA PRO A 514 4.76 21.82 29.70
C PRO A 514 4.05 20.50 30.00
N GLU A 515 3.80 20.26 31.27
CA GLU A 515 3.10 19.05 31.69
C GLU A 515 1.77 18.83 30.96
N VAL A 516 1.04 19.92 30.68
CA VAL A 516 -0.26 19.81 30.03
C VAL A 516 -0.16 19.19 28.60
N ALA A 517 0.96 19.43 27.91
CA ALA A 517 1.24 18.75 26.63
C ALA A 517 1.95 17.43 26.82
N LEU A 518 2.96 17.43 27.70
CA LEU A 518 3.78 16.23 27.90
C LEU A 518 2.97 15.01 28.36
N GLU A 519 1.95 15.25 29.20
CA GLU A 519 1.12 14.17 29.69
C GLU A 519 0.33 13.48 28.56
N GLU A 520 0.12 14.20 27.46
CA GLU A 520 -0.65 13.64 26.34
C GLU A 520 0.21 12.80 25.40
N CYS A 521 1.52 13.07 25.40
CA CYS A 521 2.38 12.52 24.34
C CYS A 521 3.68 11.81 24.79
N SER A 522 3.87 11.55 26.08
CA SER A 522 5.14 11.00 26.53
C SER A 522 5.42 9.59 25.98
N ARG A 523 4.39 8.74 25.86
CA ARG A 523 4.60 7.40 25.29
C ARG A 523 5.03 7.43 23.79
N GLN A 524 4.46 8.35 23.02
CA GLN A 524 4.79 8.56 21.61
C GLN A 524 6.21 9.13 21.42
N LEU A 525 6.62 10.00 22.34
CA LEU A 525 7.98 10.52 22.38
C LEU A 525 9.00 9.39 22.53
N ASP A 526 8.78 8.56 23.55
CA ASP A 526 9.58 7.37 23.75
C ASP A 526 9.58 6.46 22.52
N GLU A 527 8.41 6.32 21.89
CA GLU A 527 8.26 5.47 20.74
C GLU A 527 9.10 6.00 19.54
N LEU A 528 9.06 7.31 19.32
CA LEU A 528 9.85 7.91 18.27
C LEU A 528 11.36 7.75 18.52
N ILE A 529 11.76 7.86 19.78
CA ILE A 529 13.14 7.66 20.18
C ILE A 529 13.56 6.24 19.84
N THR A 530 12.72 5.29 20.25
CA THR A 530 12.96 3.88 19.96
C THR A 530 13.14 3.67 18.47
N LEU A 531 12.25 4.23 17.66
CA LEU A 531 12.38 4.13 16.21
C LEU A 531 13.61 4.82 15.65
N ALA A 532 13.94 6.01 16.17
CA ALA A 532 15.14 6.71 15.70
C ALA A 532 16.36 5.83 15.96
N GLN A 533 16.44 5.24 17.16
CA GLN A 533 17.52 4.32 17.48
C GLN A 533 17.55 3.11 16.55
N GLY A 534 16.38 2.59 16.17
CA GLY A 534 16.31 1.48 15.21
C GLY A 534 16.72 1.89 13.79
N ASP A 535 16.29 3.09 13.37
CA ASP A 535 16.72 3.62 12.08
C ASP A 535 18.24 3.76 11.99
N LYS A 536 18.87 4.26 13.05
CA LYS A 536 20.33 4.38 13.16
C LYS A 536 20.98 3.00 13.06
N ALA A 537 20.49 2.05 13.83
CA ALA A 537 21.00 0.67 13.74
C ALA A 537 20.81 0.07 12.34
N SER A 538 19.80 0.55 11.62
CA SER A 538 19.51 0.04 10.29
C SER A 538 20.56 0.53 9.30
N LEU A 539 20.95 1.79 9.42
CA LEU A 539 22.08 2.30 8.67
C LEU A 539 23.35 1.50 9.02
N ASP A 540 23.54 1.19 10.30
CA ASP A 540 24.71 0.41 10.70
C ASP A 540 24.74 -0.94 9.97
N MET A 541 23.60 -1.58 9.79
CA MET A 541 23.53 -2.82 8.99
C MET A 541 24.03 -2.59 7.56
N ILE A 542 23.55 -1.53 6.92
CA ILE A 542 23.95 -1.22 5.54
C ILE A 542 25.45 -0.95 5.44
N VAL A 543 25.97 -0.19 6.40
CA VAL A 543 27.38 0.15 6.41
C VAL A 543 28.22 -1.10 6.63
N ALA A 544 27.76 -1.98 7.51
CA ALA A 544 28.46 -3.24 7.76
C ALA A 544 28.54 -4.12 6.52
N GLN A 545 27.44 -4.18 5.75
CA GLN A 545 27.43 -4.93 4.49
C GLN A 545 28.33 -4.31 3.40
N LEU A 546 28.38 -2.99 3.32
CA LEU A 546 29.29 -2.32 2.41
C LEU A 546 30.76 -2.57 2.79
N ASN A 547 31.03 -2.62 4.10
CA ASN A 547 32.36 -2.91 4.63
C ASN A 547 32.69 -4.40 4.73
N GLU A 548 31.75 -5.25 4.29
CA GLU A 548 31.82 -6.72 4.42
C GLU A 548 32.20 -7.18 5.84
N ASP A 549 31.56 -6.57 6.84
CA ASP A 549 31.88 -6.85 8.24
C ASP A 549 30.75 -7.62 8.90
N THR A 550 30.93 -8.95 8.99
CA THR A 550 29.86 -9.82 9.46
C THR A 550 29.46 -9.59 10.93
N GLU A 551 30.44 -9.39 11.81
CA GLU A 551 30.14 -9.14 13.23
C GLU A 551 29.38 -7.82 13.45
N ALA A 552 29.77 -6.77 12.73
CA ALA A 552 29.10 -5.48 12.83
C ALA A 552 27.67 -5.56 12.30
N TYR A 553 27.47 -6.33 11.23
CA TYR A 553 26.14 -6.62 10.69
C TYR A 553 25.20 -7.32 11.69
N GLU A 554 25.65 -8.44 12.23
CA GLU A 554 24.86 -9.23 13.19
C GLU A 554 24.48 -8.44 14.44
N SER A 555 25.42 -7.65 14.93
CA SER A 555 25.17 -6.79 16.07
C SER A 555 24.12 -5.70 15.75
N ALA A 556 24.30 -4.99 14.63
CA ALA A 556 23.33 -3.98 14.18
C ALA A 556 21.94 -4.58 13.91
N LYS A 557 21.93 -5.79 13.35
CA LYS A 557 20.70 -6.47 13.04
C LYS A 557 19.84 -6.84 14.27
N GLU A 558 20.48 -7.39 15.32
CA GLU A 558 19.74 -7.74 16.52
C GLU A 558 19.19 -6.48 17.18
N ILE A 559 19.97 -5.39 17.16
CA ILE A 559 19.51 -4.13 17.74
C ILE A 559 18.33 -3.58 16.91
N ALA A 560 18.52 -3.44 15.60
CA ALA A 560 17.44 -2.95 14.75
C ALA A 560 16.15 -3.75 14.99
N GLN A 561 16.26 -5.09 14.95
CA GLN A 561 15.11 -5.96 15.16
C GLN A 561 14.47 -5.75 16.54
N ASN A 562 15.27 -5.53 17.59
CA ASN A 562 14.72 -5.31 18.92
C ASN A 562 13.94 -4.00 19.00
N LYS A 563 14.51 -2.94 18.41
CA LYS A 563 13.86 -1.64 18.39
C LYS A 563 12.51 -1.70 17.67
N LEU A 564 12.48 -2.44 16.57
CA LEU A 564 11.28 -2.60 15.79
C LEU A 564 10.23 -3.38 16.59
N ASN A 565 10.66 -4.48 17.21
CA ASN A 565 9.75 -5.29 18.06
C ASN A 565 9.18 -4.50 19.23
N THR A 566 10.00 -3.65 19.83
CA THR A 566 9.52 -2.78 20.89
C THR A 566 8.40 -1.86 20.36
N ALA A 567 8.62 -1.26 19.18
CA ALA A 567 7.64 -0.32 18.62
C ALA A 567 6.33 -1.04 18.29
N LEU A 568 6.42 -2.21 17.67
CA LEU A 568 5.24 -2.98 17.30
C LEU A 568 4.36 -3.35 18.47
N SER A 569 4.94 -3.82 19.58
CA SER A 569 4.13 -4.29 20.71
C SER A 569 3.69 -3.18 21.65
N SER A 570 4.31 -2.01 21.54
CA SER A 570 3.97 -0.86 22.37
C SER A 570 2.60 -0.28 22.02
N PHE A 571 1.93 0.31 23.02
CA PHE A 571 0.61 0.92 22.78
C PHE A 571 0.71 2.13 21.83
N ALA A 572 1.69 2.98 22.09
CA ALA A 572 1.91 4.18 21.30
C ALA A 572 2.18 3.85 19.83
N VAL A 573 1.74 4.70 18.91
CA VAL A 573 2.01 4.41 17.49
C VAL A 573 2.49 5.68 16.82
N ILE A 574 3.58 5.60 16.06
CA ILE A 574 4.06 6.76 15.31
C ILE A 574 4.88 6.41 14.06
N SER A 575 4.75 7.24 13.03
CA SER A 575 5.61 7.17 11.84
C SER A 575 5.64 5.78 11.24
N GLU A 576 4.49 5.11 11.15
CA GLU A 576 4.48 3.68 10.72
C GLU A 576 5.14 3.47 9.34
N LYS A 577 4.84 4.33 8.40
CA LYS A 577 5.29 4.19 7.02
C LYS A 577 6.67 4.75 6.77
N VAL A 578 7.25 5.40 7.79
CA VAL A 578 8.51 6.11 7.62
C VAL A 578 9.58 5.56 8.57
N ALA A 579 9.62 6.06 9.80
CA ALA A 579 10.62 5.60 10.76
C ALA A 579 10.54 4.11 11.04
N GLN A 580 9.33 3.61 11.19
CA GLN A 580 9.13 2.20 11.55
C GLN A 580 9.37 1.29 10.34
N SER A 581 8.71 1.61 9.24
CA SER A 581 8.83 0.82 8.01
C SER A 581 10.27 0.74 7.54
N PHE A 582 11.01 1.83 7.67
CA PHE A 582 12.44 1.86 7.30
C PHE A 582 13.26 0.73 7.93
N ILE A 583 12.94 0.36 9.18
CA ILE A 583 13.69 -0.68 9.86
C ILE A 583 13.39 -2.01 9.19
N GLN A 584 12.12 -2.25 8.88
CA GLN A 584 11.76 -3.49 8.18
C GLN A 584 12.37 -3.59 6.79
N GLU A 585 12.45 -2.48 6.10
CA GLU A 585 13.06 -2.44 4.77
C GLU A 585 14.53 -2.84 4.87
N ALA A 586 15.22 -2.20 5.82
CA ALA A 586 16.63 -2.49 6.06
C ALA A 586 16.85 -3.94 6.49
N LEU A 587 16.00 -4.47 7.36
CA LEU A 587 16.14 -5.85 7.82
C LEU A 587 16.01 -6.89 6.68
N SER A 588 15.24 -6.55 5.65
CA SER A 588 15.00 -7.47 4.53
C SER A 588 15.96 -7.20 3.36
N PHE A 589 16.75 -6.16 3.48
CA PHE A 589 17.69 -5.79 2.44
C PHE A 589 18.96 -6.61 2.57
N ASP A 590 19.35 -7.26 1.48
CA ASP A 590 20.55 -8.07 1.43
C ASP A 590 21.45 -7.52 0.32
N LEU A 591 22.40 -6.67 0.72
CA LEU A 591 23.34 -6.00 -0.19
C LEU A 591 24.20 -6.96 -1.01
N THR A 592 24.52 -8.13 -0.44
CA THR A 592 25.41 -9.08 -1.11
C THR A 592 24.85 -9.61 -2.44
N LEU A 593 23.54 -9.45 -2.61
CA LEU A 593 22.84 -9.88 -3.82
C LEU A 593 22.79 -8.80 -4.89
N ILE A 594 23.27 -7.61 -4.50
CA ILE A 594 23.46 -6.46 -5.39
C ILE A 594 22.52 -5.27 -5.15
N GLN B 10 -16.51 -42.97 -23.33
CA GLN B 10 -16.05 -41.61 -23.70
C GLN B 10 -14.80 -41.21 -22.91
N VAL B 11 -13.63 -41.27 -23.55
CA VAL B 11 -12.40 -40.86 -22.86
C VAL B 11 -12.07 -39.39 -23.11
N LEU B 12 -12.01 -38.66 -22.00
CA LEU B 12 -11.79 -37.22 -22.06
C LEU B 12 -10.30 -36.93 -22.20
N VAL B 13 -9.99 -35.72 -22.67
CA VAL B 13 -8.61 -35.31 -22.76
C VAL B 13 -8.12 -34.98 -21.35
N PRO B 14 -7.04 -35.62 -20.90
CA PRO B 14 -6.47 -35.27 -19.60
C PRO B 14 -5.78 -33.88 -19.64
N ASN B 15 -5.37 -33.39 -18.48
CA ASN B 15 -4.55 -32.20 -18.42
C ASN B 15 -3.31 -32.37 -19.27
N LEU B 16 -2.99 -31.35 -20.05
CA LEU B 16 -1.78 -31.39 -20.86
C LEU B 16 -0.95 -30.16 -20.58
N ASN B 17 0.35 -30.33 -20.58
CA ASN B 17 1.28 -29.21 -20.45
C ASN B 17 2.56 -29.46 -21.25
N PRO B 18 2.93 -28.54 -22.16
CA PRO B 18 2.19 -27.31 -22.49
C PRO B 18 0.89 -27.57 -23.23
N THR B 19 0.02 -26.58 -23.29
CA THR B 19 -1.21 -26.60 -24.07
C THR B 19 -0.84 -26.66 -25.56
N PRO B 20 -1.23 -27.76 -26.25
CA PRO B 20 -0.86 -27.88 -27.67
C PRO B 20 -1.50 -26.79 -28.51
N GLU B 21 -0.84 -26.36 -29.56
CA GLU B 21 -1.37 -25.27 -30.40
C GLU B 21 -2.76 -25.62 -30.96
N ASN B 22 -2.89 -26.80 -31.56
CA ASN B 22 -4.15 -27.23 -32.17
C ASN B 22 -4.54 -28.64 -31.73
N LEU B 23 -5.74 -28.78 -31.16
CA LEU B 23 -6.24 -30.07 -30.71
C LEU B 23 -7.72 -30.15 -31.04
N GLU B 24 -8.10 -31.24 -31.71
CA GLU B 24 -9.51 -31.48 -31.99
C GLU B 24 -9.82 -32.89 -31.58
N VAL B 25 -10.83 -33.06 -30.73
CA VAL B 25 -11.31 -34.39 -30.37
C VAL B 25 -12.16 -34.91 -31.53
N VAL B 26 -11.84 -36.09 -32.04
CA VAL B 26 -12.57 -36.63 -33.23
C VAL B 26 -13.39 -37.90 -32.99
N GLY B 27 -13.03 -38.68 -31.98
CA GLY B 27 -13.81 -39.86 -31.60
C GLY B 27 -14.07 -39.95 -30.10
N ASP B 28 -14.49 -41.13 -29.65
CA ASP B 28 -14.79 -41.32 -28.24
C ASP B 28 -13.60 -41.89 -27.49
N GLY B 29 -12.59 -42.30 -28.24
CA GLY B 29 -11.36 -42.81 -27.68
C GLY B 29 -11.36 -44.31 -27.60
N PHE B 30 -10.20 -44.90 -27.33
CA PHE B 30 -10.09 -46.35 -27.31
C PHE B 30 -9.04 -46.85 -26.32
N LYS B 31 -9.05 -48.16 -26.08
CA LYS B 31 -8.14 -48.79 -25.16
C LYS B 31 -6.90 -49.26 -25.91
N ILE B 32 -5.74 -48.88 -25.40
CA ILE B 32 -4.47 -49.38 -25.95
C ILE B 32 -4.21 -50.76 -25.37
N THR B 33 -4.14 -51.75 -26.24
CA THR B 33 -3.91 -53.14 -25.84
C THR B 33 -2.64 -53.28 -24.98
N SER B 34 -2.57 -54.35 -24.19
CA SER B 34 -1.41 -54.61 -23.35
C SER B 34 -0.18 -54.97 -24.18
N SER B 35 -0.41 -55.29 -25.45
CA SER B 35 0.65 -55.50 -26.44
C SER B 35 0.31 -54.68 -27.65
N ILE B 36 1.32 -53.98 -28.18
CA ILE B 36 1.11 -53.09 -29.31
C ILE B 36 2.07 -53.37 -30.45
N ASN B 37 1.68 -52.94 -31.64
CA ASN B 37 2.56 -52.95 -32.81
C ASN B 37 3.34 -51.64 -32.88
N LEU B 38 4.66 -51.74 -32.92
CA LEU B 38 5.52 -50.57 -33.06
C LEU B 38 6.04 -50.50 -34.48
N VAL B 39 5.78 -49.36 -35.15
CA VAL B 39 6.15 -49.17 -36.54
C VAL B 39 6.93 -47.86 -36.68
N GLY B 40 8.19 -47.98 -37.08
CA GLY B 40 9.02 -46.82 -37.39
C GLY B 40 10.14 -46.57 -36.41
N GLU B 41 10.24 -47.42 -35.40
CA GLU B 41 11.17 -47.19 -34.28
C GLU B 41 12.62 -47.24 -34.69
N GLU B 42 12.88 -47.71 -35.91
CA GLU B 42 14.25 -47.87 -36.35
C GLU B 42 14.79 -46.65 -37.08
N GLU B 43 13.90 -45.91 -37.73
CA GLU B 43 14.26 -44.68 -38.42
C GLU B 43 13.91 -43.39 -37.64
N ALA B 44 12.98 -43.51 -36.69
CA ALA B 44 12.54 -42.37 -35.87
C ALA B 44 13.64 -41.93 -34.91
N ASP B 45 13.52 -40.70 -34.42
CA ASP B 45 14.46 -40.12 -33.47
C ASP B 45 14.72 -41.01 -32.26
N GLU B 46 16.00 -41.31 -32.04
CA GLU B 46 16.50 -42.22 -31.01
C GLU B 46 16.09 -41.87 -29.57
N ASN B 47 16.20 -40.59 -29.21
CA ASN B 47 15.79 -40.12 -27.88
C ASN B 47 14.28 -40.21 -27.69
N ALA B 48 13.54 -39.91 -28.76
CA ALA B 48 12.10 -40.01 -28.77
C ALA B 48 11.66 -41.44 -28.56
N VAL B 49 12.35 -42.36 -29.24
CA VAL B 49 12.07 -43.79 -29.15
C VAL B 49 12.38 -44.29 -27.74
N ASN B 50 13.49 -43.86 -27.17
CA ASN B 50 13.85 -44.26 -25.80
C ASN B 50 12.84 -43.75 -24.77
N ALA B 51 12.35 -42.53 -24.98
CA ALA B 51 11.33 -41.96 -24.09
C ALA B 51 10.05 -42.78 -24.21
N LEU B 52 9.74 -43.23 -25.42
CA LEU B 52 8.56 -44.06 -25.66
C LEU B 52 8.64 -45.43 -24.99
N ARG B 53 9.80 -46.08 -25.11
CA ARG B 53 10.05 -47.38 -24.50
C ARG B 53 10.03 -47.28 -22.97
N GLU B 54 10.60 -46.21 -22.44
CA GLU B 54 10.60 -45.96 -21.00
C GLU B 54 9.15 -45.92 -20.53
N PHE B 55 8.30 -45.23 -21.29
CA PHE B 55 6.88 -45.13 -20.96
C PHE B 55 6.14 -46.46 -21.09
N LEU B 56 6.36 -47.16 -22.21
CA LEU B 56 5.71 -48.46 -22.46
C LEU B 56 6.00 -49.42 -21.31
N THR B 57 7.28 -49.56 -20.99
CA THR B 57 7.74 -50.41 -19.90
C THR B 57 7.02 -50.08 -18.59
N ALA B 58 7.00 -48.80 -18.24
CA ALA B 58 6.45 -48.36 -16.96
C ALA B 58 4.94 -48.60 -16.84
N ASN B 59 4.26 -48.67 -17.98
CA ASN B 59 2.82 -48.91 -17.97
C ASN B 59 2.41 -50.34 -18.39
N ASN B 60 3.35 -51.28 -18.20
CA ASN B 60 3.16 -52.71 -18.53
C ASN B 60 2.59 -52.94 -19.92
N ILE B 61 3.16 -52.26 -20.90
CA ILE B 61 2.74 -52.41 -22.28
C ILE B 61 3.90 -53.05 -23.05
N GLU B 62 3.63 -54.19 -23.68
CA GLU B 62 4.67 -54.93 -24.40
C GLU B 62 4.71 -54.58 -25.88
N ILE B 63 5.88 -54.75 -26.48
CA ILE B 63 6.04 -54.52 -27.93
C ILE B 63 5.98 -55.83 -28.71
N ASN B 64 5.02 -55.94 -29.61
CA ASN B 64 4.87 -57.13 -30.44
C ASN B 64 6.14 -57.41 -31.25
N SER B 65 6.57 -58.67 -31.23
CA SER B 65 7.71 -59.12 -32.01
C SER B 65 7.36 -59.14 -33.51
N GLU B 66 6.13 -59.55 -33.81
CA GLU B 66 5.64 -59.60 -35.17
C GLU B 66 4.28 -58.91 -35.21
N ASN B 67 3.90 -58.36 -36.36
CA ASN B 67 2.61 -57.71 -36.48
C ASN B 67 1.45 -58.60 -36.02
N ASP B 68 0.49 -57.99 -35.33
CA ASP B 68 -0.72 -58.68 -34.88
C ASP B 68 -1.89 -57.72 -35.04
N PRO B 69 -2.81 -58.04 -35.97
CA PRO B 69 -3.90 -57.16 -36.40
C PRO B 69 -4.94 -56.89 -35.30
N ASN B 70 -4.79 -57.59 -34.19
CA ASN B 70 -5.66 -57.37 -33.03
C ASN B 70 -5.12 -56.27 -32.10
N SER B 71 -3.84 -55.94 -32.24
CA SER B 71 -3.14 -55.00 -31.35
C SER B 71 -3.27 -53.56 -31.80
N THR B 72 -3.19 -52.65 -30.84
CA THR B 72 -3.06 -51.23 -31.12
C THR B 72 -1.76 -51.02 -31.86
N THR B 73 -1.80 -50.20 -32.91
CA THR B 73 -0.58 -49.90 -33.66
C THR B 73 -0.07 -48.50 -33.37
N LEU B 74 1.20 -48.40 -32.96
CA LEU B 74 1.84 -47.11 -32.79
C LEU B 74 2.88 -46.88 -33.88
N ILE B 75 2.74 -45.76 -34.59
CA ILE B 75 3.66 -45.41 -35.67
C ILE B 75 4.40 -44.09 -35.35
N ILE B 76 5.72 -44.14 -35.41
CA ILE B 76 6.56 -43.02 -35.02
C ILE B 76 7.64 -42.71 -36.07
N GLY B 77 7.87 -41.43 -36.32
CA GLY B 77 8.91 -41.01 -37.23
C GLY B 77 8.95 -39.52 -37.48
N GLU B 78 9.88 -39.11 -38.35
CA GLU B 78 9.99 -37.73 -38.80
C GLU B 78 9.40 -37.54 -40.21
N VAL B 79 9.22 -36.29 -40.62
CA VAL B 79 8.60 -35.94 -41.90
C VAL B 79 9.41 -36.44 -43.11
N ASP B 80 10.73 -36.25 -43.07
CA ASP B 80 11.58 -36.61 -44.19
C ASP B 80 11.94 -38.11 -44.23
N ASP B 81 11.39 -38.87 -43.28
CA ASP B 81 11.51 -40.33 -43.28
C ASP B 81 10.43 -40.92 -44.18
N ASP B 82 10.77 -41.98 -44.90
CA ASP B 82 9.83 -42.64 -45.80
C ASP B 82 9.14 -43.81 -45.07
N ILE B 83 7.94 -43.55 -44.54
CA ILE B 83 7.14 -44.56 -43.83
C ILE B 83 5.68 -44.45 -44.26
N PRO B 84 5.22 -45.39 -45.10
CA PRO B 84 3.86 -45.35 -45.66
C PRO B 84 2.74 -45.54 -44.62
N GLU B 85 3.01 -46.34 -43.58
CA GLU B 85 2.06 -46.53 -42.47
C GLU B 85 1.79 -45.23 -41.70
N LEU B 86 2.84 -44.42 -41.54
CA LEU B 86 2.75 -43.11 -40.88
C LEU B 86 1.84 -42.16 -41.64
N ASP B 87 2.03 -42.10 -42.96
CA ASP B 87 1.21 -41.26 -43.83
C ASP B 87 -0.27 -41.67 -43.83
N GLU B 88 -0.52 -42.98 -43.82
CA GLU B 88 -1.88 -43.53 -43.82
C GLU B 88 -2.62 -43.25 -42.50
N ALA B 89 -1.93 -43.45 -41.38
CA ALA B 89 -2.50 -43.21 -40.05
C ALA B 89 -2.82 -41.72 -39.80
N LEU B 90 -1.95 -40.85 -40.31
CA LEU B 90 -2.12 -39.39 -40.17
C LEU B 90 -3.34 -38.84 -40.91
N ASN B 91 -3.80 -39.58 -41.93
CA ASN B 91 -4.99 -39.22 -42.69
C ASN B 91 -5.09 -37.72 -43.04
N GLY B 92 -4.09 -37.22 -43.77
CA GLY B 92 -4.07 -35.81 -44.18
C GLY B 92 -3.36 -34.83 -43.25
N THR B 93 -3.37 -35.11 -41.95
CA THR B 93 -2.68 -34.30 -40.95
C THR B 93 -1.17 -34.47 -41.10
N THR B 94 -0.43 -33.37 -41.02
CA THR B 94 1.02 -33.42 -41.24
C THR B 94 1.81 -32.34 -40.49
N ALA B 95 3.05 -32.66 -40.17
CA ALA B 95 3.94 -31.72 -39.51
C ALA B 95 4.86 -31.01 -40.52
N GLU B 96 4.66 -31.30 -41.80
CA GLU B 96 5.57 -30.86 -42.88
C GLU B 96 5.77 -29.33 -42.93
N ASN B 97 4.70 -28.57 -42.72
CA ASN B 97 4.79 -27.10 -42.75
C ASN B 97 4.80 -26.41 -41.38
N LEU B 98 5.26 -27.12 -40.36
CA LEU B 98 5.41 -26.55 -39.02
C LEU B 98 6.85 -26.14 -38.79
N LYS B 99 7.04 -25.17 -37.89
CA LYS B 99 8.39 -24.74 -37.48
C LYS B 99 9.11 -25.85 -36.73
N GLU B 100 10.41 -25.66 -36.54
CA GLU B 100 11.25 -26.59 -35.75
C GLU B 100 10.60 -26.93 -34.38
N GLU B 101 10.85 -28.15 -33.91
CA GLU B 101 10.25 -28.69 -32.67
C GLU B 101 8.78 -29.04 -32.83
N GLY B 102 8.21 -28.72 -34.00
CA GLY B 102 6.82 -29.06 -34.35
C GLY B 102 6.60 -30.55 -34.54
N TYR B 103 5.34 -30.97 -34.47
CA TYR B 103 4.97 -32.39 -34.62
C TYR B 103 3.47 -32.52 -34.82
N ALA B 104 3.05 -33.64 -35.39
CA ALA B 104 1.63 -33.98 -35.46
C ALA B 104 1.38 -35.26 -34.71
N LEU B 105 0.19 -35.37 -34.12
CA LEU B 105 -0.22 -36.57 -33.42
C LEU B 105 -1.69 -36.83 -33.74
N VAL B 106 -1.96 -38.04 -34.21
CA VAL B 106 -3.32 -38.46 -34.48
C VAL B 106 -3.55 -39.79 -33.78
N SER B 107 -4.60 -39.83 -32.97
CA SER B 107 -5.05 -41.07 -32.36
C SER B 107 -6.42 -41.34 -32.95
N ASN B 108 -6.53 -42.46 -33.65
CA ASN B 108 -7.78 -42.80 -34.35
C ASN B 108 -7.89 -44.30 -34.63
N ASP B 109 -8.94 -44.89 -34.07
CA ASP B 109 -9.35 -46.28 -34.31
C ASP B 109 -8.19 -47.29 -34.26
N GLY B 110 -7.64 -47.49 -33.07
CA GLY B 110 -6.60 -48.49 -32.85
C GLY B 110 -5.20 -48.10 -33.31
N LYS B 111 -5.06 -46.87 -33.79
CA LYS B 111 -3.80 -46.36 -34.33
C LYS B 111 -3.42 -45.01 -33.72
N ILE B 112 -2.14 -44.90 -33.35
CA ILE B 112 -1.58 -43.65 -32.85
C ILE B 112 -0.38 -43.29 -33.71
N ALA B 113 -0.48 -42.19 -34.45
CA ALA B 113 0.60 -41.75 -35.31
C ALA B 113 1.27 -40.50 -34.74
N ILE B 114 2.60 -40.55 -34.62
CA ILE B 114 3.41 -39.43 -34.14
C ILE B 114 4.46 -39.05 -35.22
N GLU B 115 4.29 -37.87 -35.82
CA GLU B 115 5.21 -37.40 -36.85
C GLU B 115 5.87 -36.06 -36.46
N GLY B 116 7.16 -36.10 -36.18
CA GLY B 116 7.86 -34.87 -35.84
C GLY B 116 8.30 -34.15 -37.09
N LYS B 117 8.29 -32.82 -37.04
CA LYS B 117 8.89 -32.02 -38.10
C LYS B 117 10.40 -32.27 -38.09
N ASP B 118 10.95 -32.52 -36.91
CA ASP B 118 12.35 -32.93 -36.71
C ASP B 118 12.46 -33.89 -35.52
N GLY B 119 13.68 -34.35 -35.24
CA GLY B 119 13.91 -35.22 -34.09
C GLY B 119 13.38 -34.68 -32.77
N ASP B 120 13.54 -33.36 -32.54
CA ASP B 120 13.04 -32.69 -31.32
C ASP B 120 11.52 -32.77 -31.25
N GLY B 121 10.87 -32.43 -32.35
CA GLY B 121 9.41 -32.51 -32.44
C GLY B 121 8.87 -33.92 -32.20
N THR B 122 9.65 -34.93 -32.57
CA THR B 122 9.23 -36.34 -32.41
C THR B 122 9.20 -36.71 -30.93
N PHE B 123 10.31 -36.45 -30.26
CA PHE B 123 10.43 -36.48 -28.79
C PHE B 123 9.25 -35.80 -28.10
N TYR B 124 8.89 -34.60 -28.56
CA TYR B 124 7.80 -33.84 -27.92
C TYR B 124 6.44 -34.41 -28.23
N GLY B 125 6.32 -35.07 -29.38
CA GLY B 125 5.10 -35.79 -29.73
C GLY B 125 4.90 -36.90 -28.74
N VAL B 126 5.99 -37.59 -28.42
CA VAL B 126 5.99 -38.65 -27.42
C VAL B 126 5.58 -38.12 -26.04
N GLN B 127 6.07 -36.94 -25.67
CA GLN B 127 5.76 -36.34 -24.38
C GLN B 127 4.27 -36.03 -24.28
N THR B 128 3.69 -35.59 -25.39
CA THR B 128 2.25 -35.36 -25.44
C THR B 128 1.46 -36.68 -25.33
N PHE B 129 1.91 -37.70 -26.07
CA PHE B 129 1.30 -39.01 -26.02
C PHE B 129 1.30 -39.55 -24.59
N LYS B 130 2.43 -39.40 -23.90
CA LYS B 130 2.54 -39.85 -22.51
C LYS B 130 1.48 -39.20 -21.61
N GLN B 131 1.22 -37.91 -21.84
CA GLN B 131 0.21 -37.19 -21.09
C GLN B 131 -1.22 -37.54 -21.50
N LEU B 132 -1.42 -37.91 -22.77
CA LEU B 132 -2.74 -38.29 -23.27
C LEU B 132 -3.27 -39.63 -22.71
N VAL B 133 -2.37 -40.53 -22.32
CA VAL B 133 -2.78 -41.87 -21.90
C VAL B 133 -3.00 -41.98 -20.38
N LYS B 134 -4.22 -42.38 -20.03
CA LYS B 134 -4.58 -42.70 -18.64
C LYS B 134 -5.21 -44.08 -18.54
N GLU B 135 -4.54 -44.98 -17.82
CA GLU B 135 -4.99 -46.37 -17.62
C GLU B 135 -5.31 -47.09 -18.92
N SER B 136 -4.35 -47.05 -19.85
CA SER B 136 -4.45 -47.62 -21.21
C SER B 136 -5.52 -46.99 -22.11
N ASN B 137 -6.18 -45.94 -21.63
CA ASN B 137 -7.18 -45.25 -22.45
C ASN B 137 -6.63 -43.98 -23.05
N ILE B 138 -6.91 -43.77 -24.33
CA ILE B 138 -6.46 -42.57 -25.03
C ILE B 138 -7.65 -41.92 -25.72
N PRO B 139 -7.73 -40.58 -25.69
CA PRO B 139 -8.79 -39.97 -26.47
C PRO B 139 -8.41 -40.00 -27.94
N GLU B 140 -9.39 -39.78 -28.82
CA GLU B 140 -9.15 -39.72 -30.25
C GLU B 140 -9.03 -38.28 -30.63
N VAL B 141 -7.83 -37.86 -31.01
CA VAL B 141 -7.56 -36.44 -31.34
C VAL B 141 -6.69 -36.25 -32.59
N ASN B 142 -6.88 -35.13 -33.28
CA ASN B 142 -5.93 -34.59 -34.26
C ASN B 142 -5.15 -33.43 -33.62
N ILE B 143 -3.83 -33.57 -33.56
CA ILE B 143 -2.99 -32.53 -33.00
C ILE B 143 -1.90 -32.07 -33.97
N THR B 144 -1.83 -30.76 -34.18
CA THR B 144 -0.62 -30.13 -34.66
C THR B 144 -0.17 -29.10 -33.62
N ASP B 145 1.11 -29.14 -33.28
CA ASP B 145 1.65 -28.41 -32.15
C ASP B 145 3.09 -27.95 -32.43
N TYR B 146 3.44 -26.79 -31.88
CA TYR B 146 4.76 -26.17 -32.04
C TYR B 146 4.87 -24.99 -31.06
N PRO B 147 6.09 -24.66 -30.63
CA PRO B 147 6.23 -23.61 -29.62
C PRO B 147 6.13 -22.20 -30.19
N THR B 148 5.66 -21.27 -29.37
CA THR B 148 5.73 -19.85 -29.66
C THR B 148 7.20 -19.38 -29.68
N VAL B 149 7.95 -19.75 -28.64
CA VAL B 149 9.31 -19.23 -28.45
C VAL B 149 10.34 -20.33 -28.63
N SER B 150 11.44 -20.04 -29.33
CA SER B 150 12.45 -21.06 -29.72
C SER B 150 13.26 -21.63 -28.57
N ALA B 151 13.61 -20.79 -27.61
CA ALA B 151 14.38 -21.28 -26.49
C ALA B 151 13.57 -21.03 -25.22
N ARG B 152 13.26 -22.12 -24.52
CA ARG B 152 12.43 -22.07 -23.31
C ARG B 152 13.12 -22.86 -22.22
N GLY B 153 13.28 -22.27 -21.02
CA GLY B 153 13.93 -23.01 -19.95
C GLY B 153 14.35 -22.27 -18.72
N ILE B 154 15.39 -22.80 -18.07
CA ILE B 154 15.82 -22.40 -16.73
C ILE B 154 17.28 -21.98 -16.75
N VAL B 155 17.59 -20.90 -16.03
CA VAL B 155 18.95 -20.59 -15.66
C VAL B 155 19.17 -20.86 -14.16
N GLU B 156 20.15 -21.70 -13.82
CA GLU B 156 20.48 -21.92 -12.42
C GLU B 156 21.32 -20.74 -11.90
N GLY B 157 20.67 -19.59 -11.73
CA GLY B 157 21.39 -18.36 -11.40
C GLY B 157 21.12 -17.74 -10.04
N PHE B 158 20.49 -18.50 -9.15
CA PHE B 158 20.17 -18.01 -7.81
C PHE B 158 21.35 -18.10 -6.84
N TYR B 159 21.43 -17.13 -5.91
CA TYR B 159 22.32 -17.26 -4.77
C TYR B 159 21.71 -18.27 -3.78
N GLY B 160 22.55 -18.84 -2.92
CA GLY B 160 22.09 -19.77 -1.88
C GLY B 160 22.57 -21.18 -2.09
N THR B 161 22.00 -22.11 -1.34
CA THR B 161 22.41 -23.50 -1.36
C THR B 161 22.12 -24.06 -2.75
N PRO B 162 23.16 -24.55 -3.44
CA PRO B 162 23.07 -25.09 -4.78
C PRO B 162 22.14 -26.30 -4.89
N TRP B 163 21.58 -26.50 -6.06
CA TRP B 163 20.97 -27.76 -6.42
C TRP B 163 22.04 -28.86 -6.36
N THR B 164 21.64 -30.02 -5.87
CA THR B 164 22.50 -31.19 -5.87
C THR B 164 22.54 -31.75 -7.29
N HIS B 165 23.50 -32.64 -7.52
CA HIS B 165 23.64 -33.34 -8.77
C HIS B 165 22.36 -34.09 -9.14
N GLN B 166 21.73 -34.76 -8.16
CA GLN B 166 20.47 -35.48 -8.40
C GLN B 166 19.27 -34.57 -8.68
N ASP B 167 19.19 -33.43 -7.98
CA ASP B 167 18.20 -32.39 -8.32
C ASP B 167 18.29 -32.00 -9.79
N ARG B 168 19.53 -31.78 -10.26
CA ARG B 168 19.74 -31.32 -11.65
C ARG B 168 19.33 -32.35 -12.66
N LEU B 169 19.70 -33.61 -12.42
CA LEU B 169 19.30 -34.70 -13.30
C LEU B 169 17.78 -34.80 -13.35
N ASP B 170 17.13 -34.65 -12.19
CA ASP B 170 15.67 -34.70 -12.10
C ASP B 170 15.03 -33.52 -12.80
N GLN B 171 15.64 -32.34 -12.65
CA GLN B 171 15.14 -31.12 -13.30
C GLN B 171 15.19 -31.30 -14.83
N ILE B 172 16.34 -31.71 -15.34
CA ILE B 172 16.52 -31.97 -16.78
C ILE B 172 15.42 -32.88 -17.33
N LYS B 173 15.09 -33.97 -16.63
CA LYS B 173 14.00 -34.87 -17.07
C LYS B 173 12.64 -34.17 -17.07
N PHE B 174 12.42 -33.36 -16.05
CA PHE B 174 11.21 -32.55 -15.94
C PHE B 174 11.11 -31.56 -17.10
N TYR B 175 12.25 -30.99 -17.51
CA TYR B 175 12.22 -30.03 -18.63
C TYR B 175 11.78 -30.76 -19.90
N GLY B 176 12.36 -31.94 -20.12
CA GLY B 176 12.00 -32.75 -21.30
C GLY B 176 10.51 -33.10 -21.36
N GLU B 177 9.94 -33.48 -20.22
CA GLU B 177 8.51 -33.82 -20.20
C GLU B 177 7.60 -32.62 -20.45
N ASN B 178 8.10 -31.42 -20.15
CA ASN B 178 7.29 -30.23 -20.30
C ASN B 178 7.76 -29.35 -21.46
N LYS B 179 8.70 -29.87 -22.26
CA LYS B 179 9.07 -29.28 -23.54
C LYS B 179 9.88 -28.02 -23.38
N LEU B 180 10.61 -27.95 -22.26
CA LEU B 180 11.58 -26.90 -22.03
C LEU B 180 12.89 -27.43 -22.60
N ASN B 181 13.55 -26.64 -23.43
CA ASN B 181 14.68 -27.10 -24.23
C ASN B 181 15.99 -26.38 -23.89
N THR B 182 15.99 -25.63 -22.78
CA THR B 182 17.18 -24.85 -22.38
C THR B 182 17.50 -24.88 -20.88
N TYR B 183 18.71 -25.31 -20.56
CA TYR B 183 19.16 -25.27 -19.20
C TYR B 183 20.54 -24.62 -19.13
N ILE B 184 20.60 -23.42 -18.55
CA ILE B 184 21.87 -22.68 -18.40
C ILE B 184 22.54 -23.00 -17.07
N TYR B 185 23.60 -23.78 -17.18
CA TYR B 185 24.37 -24.24 -16.06
C TYR B 185 25.36 -23.15 -15.68
N ALA B 186 25.06 -22.46 -14.59
CA ALA B 186 25.96 -21.42 -14.06
C ALA B 186 25.84 -21.34 -12.52
N PRO B 187 25.98 -22.50 -11.84
CA PRO B 187 25.84 -22.48 -10.38
C PRO B 187 27.00 -21.72 -9.69
N LYS B 188 26.63 -20.80 -8.78
CA LYS B 188 27.60 -19.97 -8.08
C LYS B 188 28.67 -20.80 -7.40
N ASP B 189 28.31 -22.02 -6.97
CA ASP B 189 29.22 -22.83 -6.17
C ASP B 189 30.07 -23.85 -6.95
N ASP B 190 30.05 -23.76 -8.27
CA ASP B 190 31.00 -24.50 -9.11
C ASP B 190 32.12 -23.54 -9.48
N PRO B 191 33.34 -23.76 -8.94
CA PRO B 191 34.48 -22.88 -9.20
C PRO B 191 34.75 -22.69 -10.68
N TYR B 192 34.63 -23.77 -11.47
CA TYR B 192 35.03 -23.73 -12.88
C TYR B 192 34.13 -22.82 -13.73
N HIS B 193 33.06 -22.34 -13.11
CA HIS B 193 32.17 -21.39 -13.75
C HIS B 193 32.61 -19.92 -13.56
N ARG B 194 33.31 -19.63 -12.47
CA ARG B 194 33.72 -18.26 -12.15
C ARG B 194 35.13 -18.14 -11.55
N GLU B 195 35.28 -18.56 -10.28
CA GLU B 195 36.55 -18.51 -9.54
C GLU B 195 37.74 -19.17 -10.26
N LYS B 196 37.44 -20.18 -11.06
CA LYS B 196 38.45 -20.87 -11.86
C LYS B 196 37.98 -20.97 -13.32
N TRP B 197 37.40 -19.87 -13.83
CA TRP B 197 36.83 -19.84 -15.17
C TRP B 197 37.82 -20.18 -16.29
N ARG B 198 39.09 -19.84 -16.11
CA ARG B 198 40.14 -20.18 -17.11
C ARG B 198 40.41 -21.69 -17.16
N GLU B 199 40.23 -22.37 -16.03
CA GLU B 199 40.68 -23.76 -15.87
C GLU B 199 39.68 -24.78 -16.39
N PRO B 200 40.15 -25.72 -17.22
CA PRO B 200 39.25 -26.75 -17.72
C PRO B 200 38.93 -27.71 -16.60
N TYR B 201 37.82 -28.44 -16.69
CA TYR B 201 37.44 -29.38 -15.63
C TYR B 201 38.51 -30.46 -15.43
N PRO B 202 38.92 -30.68 -14.17
CA PRO B 202 39.86 -31.78 -13.92
C PRO B 202 39.15 -33.12 -14.11
N GLU B 203 39.93 -34.19 -14.09
CA GLU B 203 39.42 -35.54 -14.28
C GLU B 203 38.39 -35.94 -13.20
N SER B 204 38.57 -35.47 -11.97
CA SER B 204 37.62 -35.75 -10.87
C SER B 204 36.18 -35.30 -11.16
N GLU B 205 36.03 -34.20 -11.90
CA GLU B 205 34.71 -33.60 -12.16
C GLU B 205 34.11 -34.04 -13.48
N MET B 206 34.88 -34.80 -14.26
CA MET B 206 34.48 -35.20 -15.59
C MET B 206 33.19 -36.01 -15.65
N GLN B 207 33.12 -37.07 -14.86
CA GLN B 207 31.95 -37.94 -14.83
C GLN B 207 30.69 -37.10 -14.54
N ARG B 208 30.76 -36.29 -13.48
CA ARG B 208 29.63 -35.43 -13.08
C ARG B 208 29.16 -34.53 -14.22
N MET B 209 30.07 -33.79 -14.85
CA MET B 209 29.69 -32.91 -15.97
C MET B 209 29.10 -33.68 -17.15
N GLN B 210 29.72 -34.82 -17.45
CA GLN B 210 29.26 -35.68 -18.55
C GLN B 210 27.82 -36.14 -18.36
N GLU B 211 27.54 -36.68 -17.18
CA GLU B 211 26.18 -37.05 -16.80
C GLU B 211 25.14 -35.94 -17.10
N LEU B 212 25.46 -34.69 -16.77
CA LEU B 212 24.52 -33.57 -16.99
C LEU B 212 24.34 -33.30 -18.47
N ILE B 213 25.46 -33.28 -19.20
CA ILE B 213 25.46 -33.05 -20.64
C ILE B 213 24.69 -34.17 -21.35
N ASN B 214 24.92 -35.41 -20.95
CA ASN B 214 24.24 -36.52 -21.60
C ASN B 214 22.75 -36.52 -21.29
N ALA B 215 22.41 -36.29 -20.02
CA ALA B 215 21.00 -36.19 -19.62
C ALA B 215 20.28 -35.09 -20.38
N SER B 216 20.92 -33.93 -20.53
CA SER B 216 20.38 -32.83 -21.33
C SER B 216 20.11 -33.24 -22.79
N ALA B 217 21.13 -33.82 -23.45
CA ALA B 217 20.99 -34.25 -24.85
C ALA B 217 19.87 -35.28 -25.02
N GLU B 218 19.85 -36.26 -24.12
CA GLU B 218 18.83 -37.32 -24.18
C GLU B 218 17.42 -36.76 -24.02
N ASN B 219 17.31 -35.58 -23.41
CA ASN B 219 16.03 -34.93 -23.17
C ASN B 219 15.71 -33.74 -24.08
N LYS B 220 16.51 -33.60 -25.15
CA LYS B 220 16.36 -32.52 -26.13
C LYS B 220 16.55 -31.13 -25.50
N VAL B 221 17.32 -31.10 -24.41
CA VAL B 221 17.65 -29.88 -23.70
C VAL B 221 19.06 -29.43 -24.06
N ASP B 222 19.17 -28.19 -24.53
CA ASP B 222 20.46 -27.55 -24.73
C ASP B 222 21.10 -27.22 -23.40
N PHE B 223 22.28 -27.80 -23.18
CA PHE B 223 23.03 -27.56 -21.97
C PHE B 223 23.94 -26.35 -22.22
N VAL B 224 23.56 -25.20 -21.68
CA VAL B 224 24.38 -24.00 -21.87
C VAL B 224 25.35 -23.88 -20.71
N PHE B 225 26.66 -23.80 -21.03
CA PHE B 225 27.64 -23.53 -20.00
C PHE B 225 27.83 -22.02 -19.77
N GLY B 226 27.63 -21.61 -18.52
CA GLY B 226 27.75 -20.21 -18.12
C GLY B 226 29.14 -19.87 -17.56
N ILE B 227 29.85 -19.00 -18.26
CA ILE B 227 31.14 -18.53 -17.77
C ILE B 227 30.98 -17.10 -17.27
N SER B 228 31.49 -16.83 -16.08
CA SER B 228 31.56 -15.48 -15.55
C SER B 228 33.01 -15.04 -15.28
N PRO B 229 33.66 -14.47 -16.32
CA PRO B 229 35.06 -14.09 -16.20
C PRO B 229 35.28 -12.73 -15.54
N GLY B 230 34.20 -11.99 -15.29
CA GLY B 230 34.27 -10.66 -14.71
C GLY B 230 35.07 -10.50 -13.43
N ILE B 231 35.23 -11.60 -12.68
CA ILE B 231 35.95 -11.57 -11.42
C ILE B 231 37.38 -10.99 -11.57
N ASP B 232 38.08 -11.39 -12.64
CA ASP B 232 39.50 -11.02 -12.77
C ASP B 232 40.02 -11.05 -14.21
N ILE B 233 39.11 -10.96 -15.18
CA ILE B 233 39.53 -10.93 -16.58
C ILE B 233 40.23 -9.60 -16.89
N ARG B 234 41.31 -9.68 -17.67
CA ARG B 234 42.06 -8.50 -18.09
C ARG B 234 41.79 -8.30 -19.57
N PHE B 235 41.81 -7.04 -20.02
CA PHE B 235 41.46 -6.72 -21.40
C PHE B 235 42.58 -6.19 -22.30
N ASP B 236 43.53 -5.45 -21.73
CA ASP B 236 44.59 -4.84 -22.54
C ASP B 236 45.90 -5.65 -22.60
N GLY B 237 46.63 -5.48 -23.70
CA GLY B 237 48.00 -5.97 -23.83
C GLY B 237 48.18 -7.46 -23.76
N ASP B 238 49.30 -7.88 -23.18
CA ASP B 238 49.63 -9.29 -23.12
C ASP B 238 48.71 -10.10 -22.18
N ALA B 239 48.38 -9.54 -21.02
CA ALA B 239 47.44 -10.17 -20.08
C ALA B 239 46.05 -10.38 -20.70
N GLY B 240 45.58 -9.37 -21.43
CA GLY B 240 44.30 -9.44 -22.15
C GLY B 240 44.27 -10.52 -23.21
N GLU B 241 45.40 -10.67 -23.89
CA GLU B 241 45.56 -11.71 -24.92
C GLU B 241 45.65 -13.09 -24.27
N GLU B 242 46.40 -13.22 -23.18
CA GLU B 242 46.45 -14.46 -22.43
C GLU B 242 45.06 -14.92 -21.91
N ASP B 243 44.32 -14.00 -21.29
CA ASP B 243 42.97 -14.30 -20.80
C ASP B 243 41.98 -14.67 -21.91
N PHE B 244 42.07 -14.02 -23.07
CA PHE B 244 41.18 -14.41 -24.16
C PHE B 244 41.51 -15.79 -24.70
N ASN B 245 42.79 -16.14 -24.72
CA ASN B 245 43.16 -17.50 -25.14
C ASN B 245 42.75 -18.56 -24.10
N HIS B 246 42.80 -18.21 -22.82
CA HIS B 246 42.27 -19.06 -21.75
C HIS B 246 40.77 -19.34 -21.98
N LEU B 247 40.00 -18.30 -22.29
CA LEU B 247 38.58 -18.42 -22.60
C LEU B 247 38.36 -19.42 -23.73
N ILE B 248 39.20 -19.31 -24.75
CA ILE B 248 39.15 -20.19 -25.90
C ILE B 248 39.46 -21.63 -25.50
N THR B 249 40.57 -21.84 -24.78
CA THR B 249 40.92 -23.19 -24.36
C THR B 249 39.94 -23.79 -23.31
N LYS B 250 39.37 -22.95 -22.45
CA LYS B 250 38.26 -23.39 -21.59
C LYS B 250 37.07 -23.89 -22.40
N ALA B 251 36.67 -23.12 -23.42
CA ALA B 251 35.50 -23.43 -24.20
C ALA B 251 35.65 -24.69 -25.07
N GLU B 252 36.86 -24.91 -25.58
CA GLU B 252 37.09 -26.13 -26.36
C GLU B 252 37.18 -27.38 -25.50
N SER B 253 37.73 -27.29 -24.30
CA SER B 253 37.69 -28.44 -23.38
C SER B 253 36.23 -28.85 -23.06
N LEU B 254 35.35 -27.85 -22.88
CA LEU B 254 33.90 -28.08 -22.77
C LEU B 254 33.27 -28.61 -24.06
N TYR B 255 33.76 -28.09 -25.19
CA TYR B 255 33.29 -28.55 -26.50
C TYR B 255 33.58 -30.06 -26.68
N ASP B 256 34.78 -30.46 -26.27
CA ASP B 256 35.24 -31.84 -26.35
C ASP B 256 34.41 -32.77 -25.45
N MET B 257 33.78 -32.19 -24.43
CA MET B 257 32.89 -32.92 -23.53
C MET B 257 31.49 -33.01 -24.08
N GLY B 258 31.22 -32.29 -25.16
CA GLY B 258 29.92 -32.34 -25.83
C GLY B 258 29.07 -31.10 -25.67
N VAL B 259 29.65 -30.04 -25.08
CA VAL B 259 28.91 -28.79 -24.89
C VAL B 259 28.78 -28.04 -26.21
N ARG B 260 27.56 -27.65 -26.56
CA ARG B 260 27.32 -26.86 -27.78
C ARG B 260 26.65 -25.47 -27.56
N SER B 261 26.45 -25.06 -26.30
CA SER B 261 25.92 -23.73 -26.01
C SER B 261 26.69 -23.08 -24.89
N PHE B 262 26.92 -21.77 -25.03
CA PHE B 262 27.75 -21.00 -24.11
C PHE B 262 27.11 -19.65 -23.82
N ALA B 263 27.26 -19.24 -22.58
CA ALA B 263 26.88 -17.94 -22.13
C ALA B 263 28.09 -17.28 -21.51
N ILE B 264 28.28 -15.99 -21.78
CA ILE B 264 29.35 -15.24 -21.13
C ILE B 264 28.71 -14.02 -20.48
N TYR B 265 28.91 -13.93 -19.17
CA TYR B 265 28.29 -12.92 -18.31
C TYR B 265 29.19 -11.74 -17.97
N TRP B 266 28.62 -10.54 -18.03
CA TRP B 266 29.29 -9.31 -17.59
C TRP B 266 28.57 -8.63 -16.42
N ASP B 267 27.54 -9.29 -15.89
CA ASP B 267 26.68 -8.72 -14.82
C ASP B 267 27.43 -8.24 -13.56
N ASP B 268 28.52 -8.91 -13.19
CA ASP B 268 29.23 -8.65 -11.93
C ASP B 268 30.64 -8.05 -12.05
N ILE B 269 30.97 -7.46 -13.18
CA ILE B 269 32.33 -6.94 -13.35
C ILE B 269 32.46 -5.52 -12.77
N GLN B 270 33.62 -5.20 -12.21
CA GLN B 270 33.81 -3.91 -11.50
C GLN B 270 33.96 -2.67 -12.40
N ASP B 271 34.14 -2.89 -13.69
CA ASP B 271 34.22 -1.79 -14.66
C ASP B 271 32.93 -1.71 -15.47
N LYS B 272 32.81 -0.70 -16.31
CA LYS B 272 31.72 -0.64 -17.26
C LYS B 272 32.30 -0.45 -18.65
N SER B 273 33.28 -1.30 -18.98
CA SER B 273 33.98 -1.19 -20.27
C SER B 273 33.19 -1.90 -21.36
N ALA B 274 32.10 -1.25 -21.76
CA ALA B 274 31.20 -1.79 -22.79
C ALA B 274 31.94 -2.29 -24.03
N ALA B 275 32.83 -1.46 -24.62
CA ALA B 275 33.55 -1.89 -25.85
C ALA B 275 34.40 -3.13 -25.64
N LYS B 276 35.10 -3.20 -24.52
CA LYS B 276 35.96 -4.33 -24.24
C LYS B 276 35.18 -5.63 -24.00
N HIS B 277 34.04 -5.53 -23.31
CA HIS B 277 33.13 -6.67 -23.12
C HIS B 277 32.66 -7.17 -24.48
N ALA B 278 32.19 -6.22 -25.27
CA ALA B 278 31.63 -6.54 -26.57
C ALA B 278 32.65 -7.15 -27.53
N GLN B 279 33.88 -6.64 -27.51
CA GLN B 279 34.95 -7.16 -28.37
C GLN B 279 35.38 -8.56 -27.96
N VAL B 280 35.33 -8.88 -26.67
CA VAL B 280 35.61 -10.23 -26.20
C VAL B 280 34.58 -11.20 -26.78
N LEU B 281 33.30 -10.83 -26.69
CA LEU B 281 32.24 -11.63 -27.26
C LEU B 281 32.39 -11.79 -28.76
N ASN B 282 32.66 -10.68 -29.46
CA ASN B 282 32.76 -10.69 -30.92
C ASN B 282 33.86 -11.64 -31.37
N ARG B 283 35.00 -11.55 -30.69
CA ARG B 283 36.15 -12.37 -31.01
C ARG B 283 35.92 -13.85 -30.68
N PHE B 284 35.29 -14.10 -29.53
CA PHE B 284 34.88 -15.46 -29.16
C PHE B 284 33.92 -16.04 -30.19
N ASN B 285 32.94 -15.23 -30.59
CA ASN B 285 32.00 -15.58 -31.65
C ASN B 285 32.71 -15.99 -32.95
N GLU B 286 33.80 -15.30 -33.27
CA GLU B 286 34.48 -15.48 -34.54
C GLU B 286 35.40 -16.68 -34.51
N GLU B 287 36.22 -16.76 -33.46
CA GLU B 287 37.24 -17.79 -33.35
C GLU B 287 36.75 -19.11 -32.76
N PHE B 288 35.53 -19.15 -32.23
CA PHE B 288 35.02 -20.38 -31.61
C PHE B 288 33.64 -20.74 -32.15
N VAL B 289 32.67 -19.85 -31.95
CA VAL B 289 31.30 -20.16 -32.32
C VAL B 289 31.18 -20.41 -33.83
N LYS B 290 31.60 -19.43 -34.63
CA LYS B 290 31.61 -19.56 -36.10
C LYS B 290 32.55 -20.68 -36.56
N ALA B 291 33.72 -20.77 -35.95
CA ALA B 291 34.76 -21.72 -36.35
C ALA B 291 34.34 -23.19 -36.17
N LYS B 292 33.53 -23.46 -35.13
CA LYS B 292 33.10 -24.82 -34.85
C LYS B 292 31.96 -25.25 -35.77
N GLY B 293 31.11 -24.30 -36.13
CA GLY B 293 30.01 -24.57 -37.05
C GLY B 293 28.80 -25.26 -36.44
N ASP B 294 29.01 -26.00 -35.37
CA ASP B 294 27.90 -26.67 -34.67
C ASP B 294 27.58 -26.09 -33.28
N VAL B 295 28.05 -24.86 -33.01
CA VAL B 295 27.79 -24.21 -31.73
C VAL B 295 26.62 -23.23 -31.88
N LYS B 296 25.65 -23.35 -30.96
CA LYS B 296 24.48 -22.44 -30.92
C LYS B 296 24.90 -20.96 -30.74
N PRO B 297 24.01 -20.01 -31.03
CA PRO B 297 24.41 -18.61 -30.82
C PRO B 297 24.93 -18.30 -29.40
N LEU B 298 25.98 -17.50 -29.33
CA LEU B 298 26.56 -17.06 -28.05
C LEU B 298 25.52 -16.28 -27.24
N ILE B 299 25.49 -16.54 -25.94
CA ILE B 299 24.56 -15.87 -25.02
C ILE B 299 25.34 -14.92 -24.12
N THR B 300 24.81 -13.72 -23.88
CA THR B 300 25.47 -12.80 -22.99
C THR B 300 24.50 -12.06 -22.06
N VAL B 301 24.98 -11.69 -20.88
CA VAL B 301 24.29 -10.71 -20.02
C VAL B 301 25.19 -9.50 -19.87
N PRO B 302 24.76 -8.33 -20.39
CA PRO B 302 25.61 -7.15 -20.24
C PRO B 302 25.62 -6.62 -18.79
N THR B 303 26.58 -5.77 -18.49
CA THR B 303 26.72 -5.23 -17.14
C THR B 303 25.47 -4.49 -16.70
N GLU B 304 24.84 -3.77 -17.64
CA GLU B 304 23.52 -3.19 -17.40
C GLU B 304 22.52 -4.14 -18.02
N TYR B 305 21.63 -4.72 -17.22
CA TYR B 305 20.77 -5.82 -17.72
C TYR B 305 19.30 -5.74 -17.34
N ASP B 306 18.89 -4.65 -16.71
CA ASP B 306 17.48 -4.36 -16.54
C ASP B 306 17.25 -2.93 -17.01
N THR B 307 16.02 -2.63 -17.46
CA THR B 307 15.70 -1.33 -18.04
C THR B 307 16.15 -0.13 -17.22
N GLY B 308 15.94 -0.20 -15.90
CA GLY B 308 16.38 0.86 -14.99
C GLY B 308 17.86 1.20 -15.14
N ALA B 309 18.70 0.17 -15.22
CA ALA B 309 20.15 0.35 -15.36
C ALA B 309 20.58 0.67 -16.81
N MET B 310 19.71 0.35 -17.78
CA MET B 310 20.09 0.42 -19.20
C MET B 310 19.63 1.70 -19.86
N VAL B 311 18.51 2.25 -19.39
CA VAL B 311 17.83 3.38 -20.01
C VAL B 311 17.70 4.58 -19.08
N SER B 312 17.80 5.78 -19.65
CA SER B 312 17.59 7.02 -18.94
C SER B 312 16.89 7.96 -19.91
N ASN B 313 15.69 8.39 -19.54
CA ASN B 313 14.86 9.30 -20.35
C ASN B 313 14.63 8.82 -21.79
N GLY B 314 14.21 7.57 -21.90
CA GLY B 314 13.92 6.93 -23.19
C GLY B 314 15.13 6.52 -24.01
N GLN B 315 16.34 6.86 -23.56
CA GLN B 315 17.55 6.60 -24.32
C GLN B 315 18.50 5.68 -23.58
N PRO B 316 19.27 4.86 -24.33
CA PRO B 316 20.28 4.01 -23.67
C PRO B 316 21.28 4.85 -22.87
N ARG B 317 21.72 4.36 -21.71
CA ARG B 317 22.86 4.96 -21.02
C ARG B 317 24.14 4.62 -21.80
N ALA B 318 25.23 5.34 -21.51
CA ALA B 318 26.51 5.18 -22.22
C ALA B 318 26.94 3.71 -22.42
N TYR B 319 26.96 2.92 -21.35
CA TYR B 319 27.41 1.52 -21.44
C TYR B 319 26.54 0.73 -22.42
N THR B 320 25.23 0.78 -22.19
CA THR B 320 24.27 0.12 -23.07
C THR B 320 24.36 0.55 -24.54
N ARG B 321 24.43 1.86 -24.78
CA ARG B 321 24.52 2.38 -26.13
C ARG B 321 25.73 1.79 -26.87
N ILE B 322 26.89 1.85 -26.21
CA ILE B 322 28.14 1.33 -26.77
C ILE B 322 28.13 -0.19 -26.95
N PHE B 323 27.70 -0.90 -25.92
CA PHE B 323 27.56 -2.36 -26.01
C PHE B 323 26.63 -2.71 -27.18
N ALA B 324 25.49 -2.03 -27.27
CA ALA B 324 24.56 -2.28 -28.38
C ALA B 324 25.18 -2.03 -29.75
N GLU B 325 26.04 -1.01 -29.82
CA GLU B 325 26.68 -0.61 -31.06
C GLU B 325 27.74 -1.63 -31.50
N THR B 326 28.43 -2.22 -30.52
CA THR B 326 29.60 -3.09 -30.74
C THR B 326 29.28 -4.58 -30.88
N VAL B 327 28.35 -5.10 -30.05
CA VAL B 327 28.06 -6.52 -30.02
C VAL B 327 27.41 -7.04 -31.32
N ASP B 328 27.91 -8.18 -31.80
CA ASP B 328 27.46 -8.75 -33.06
C ASP B 328 26.00 -9.16 -33.04
N PRO B 329 25.30 -8.98 -34.17
CA PRO B 329 23.86 -9.18 -34.29
C PRO B 329 23.42 -10.60 -34.03
N SER B 330 24.35 -11.55 -34.14
CA SER B 330 24.06 -12.97 -33.95
C SER B 330 24.02 -13.36 -32.48
N ILE B 331 24.51 -12.48 -31.60
CA ILE B 331 24.63 -12.81 -30.20
C ILE B 331 23.30 -12.63 -29.46
N GLU B 332 22.94 -13.59 -28.62
CA GLU B 332 21.77 -13.45 -27.74
C GLU B 332 22.12 -12.55 -26.55
N VAL B 333 21.31 -11.52 -26.34
CA VAL B 333 21.55 -10.58 -25.24
C VAL B 333 20.39 -10.67 -24.25
N MET B 334 20.68 -10.93 -22.98
CA MET B 334 19.62 -11.06 -21.97
C MET B 334 19.40 -9.78 -21.18
N TRP B 335 18.15 -9.52 -20.83
CA TRP B 335 17.81 -8.46 -19.89
C TRP B 335 16.67 -9.04 -19.04
N THR B 336 16.43 -8.49 -17.86
CA THR B 336 15.51 -9.09 -16.91
C THR B 336 14.13 -8.45 -16.93
N GLY B 337 13.97 -7.44 -17.80
CA GLY B 337 12.75 -6.62 -17.80
C GLY B 337 13.03 -5.25 -17.19
N PRO B 338 11.96 -4.52 -16.79
CA PRO B 338 12.04 -3.16 -16.26
C PRO B 338 12.91 -3.00 -15.00
N GLY B 339 12.97 -4.04 -14.18
CA GLY B 339 13.82 -4.04 -12.96
C GLY B 339 14.44 -5.43 -12.83
N VAL B 340 15.37 -5.62 -11.90
CA VAL B 340 15.96 -6.96 -11.70
C VAL B 340 14.88 -7.97 -11.28
N VAL B 341 14.07 -7.56 -10.30
CA VAL B 341 12.92 -8.35 -9.85
C VAL B 341 11.71 -7.43 -9.86
N THR B 342 10.80 -7.64 -10.81
CA THR B 342 9.79 -6.63 -11.16
C THR B 342 8.43 -7.27 -11.44
N ASN B 343 7.35 -6.50 -11.26
CA ASN B 343 5.98 -7.03 -11.44
C ASN B 343 5.70 -7.57 -12.83
N GLU B 344 6.19 -6.85 -13.84
CA GLU B 344 5.75 -7.06 -15.21
C GLU B 344 6.88 -6.84 -16.22
N ILE B 345 6.76 -7.49 -17.37
CA ILE B 345 7.39 -6.98 -18.56
C ILE B 345 6.26 -6.64 -19.54
N PRO B 346 5.84 -5.36 -19.58
CA PRO B 346 4.83 -5.00 -20.58
C PRO B 346 5.44 -4.95 -21.98
N LEU B 347 4.60 -5.06 -23.00
CA LEU B 347 5.08 -5.10 -24.38
C LEU B 347 6.03 -3.94 -24.66
N SER B 348 5.68 -2.77 -24.14
CA SER B 348 6.46 -1.54 -24.36
C SER B 348 7.91 -1.64 -23.88
N ASP B 349 8.15 -2.38 -22.79
CA ASP B 349 9.51 -2.55 -22.30
C ASP B 349 10.32 -3.41 -23.25
N ALA B 350 9.77 -4.54 -23.64
CA ALA B 350 10.39 -5.38 -24.67
C ALA B 350 10.71 -4.57 -25.95
N GLN B 351 9.74 -3.78 -26.42
CA GLN B 351 9.90 -2.96 -27.63
C GLN B 351 11.07 -1.98 -27.50
N LEU B 352 11.16 -1.30 -26.36
CA LEU B 352 12.21 -0.35 -26.07
C LEU B 352 13.60 -0.95 -26.11
N ILE B 353 13.80 -2.06 -25.38
CA ILE B 353 15.12 -2.69 -25.28
C ILE B 353 15.53 -3.36 -26.59
N SER B 354 14.57 -4.03 -27.22
CA SER B 354 14.79 -4.73 -28.47
C SER B 354 15.11 -3.72 -29.57
N GLY B 355 14.46 -2.57 -29.53
CA GLY B 355 14.78 -1.44 -30.40
C GLY B 355 16.21 -0.96 -30.21
N ILE B 356 16.62 -0.80 -28.95
CA ILE B 356 17.99 -0.39 -28.63
C ILE B 356 19.03 -1.36 -29.15
N TYR B 357 18.75 -2.65 -29.07
CA TYR B 357 19.66 -3.70 -29.52
C TYR B 357 19.43 -4.14 -30.98
N ASN B 358 18.37 -3.62 -31.60
CA ASN B 358 17.96 -3.98 -32.97
C ASN B 358 17.91 -5.51 -33.23
N ARG B 359 17.29 -6.22 -32.30
CA ARG B 359 17.25 -7.67 -32.36
C ARG B 359 16.20 -8.20 -31.40
N ASN B 360 15.80 -9.45 -31.62
CA ASN B 360 14.97 -10.16 -30.66
C ASN B 360 15.78 -10.46 -29.39
N MET B 361 15.21 -10.11 -28.26
CA MET B 361 15.91 -10.19 -26.97
C MET B 361 15.71 -11.54 -26.27
N ALA B 362 16.58 -11.83 -25.31
CA ALA B 362 16.45 -12.99 -24.44
C ALA B 362 16.06 -12.52 -23.04
N VAL B 363 15.14 -13.24 -22.41
CA VAL B 363 14.64 -12.85 -21.09
C VAL B 363 15.24 -13.72 -19.99
N TRP B 364 15.79 -13.06 -18.98
CA TRP B 364 16.16 -13.71 -17.73
C TRP B 364 15.11 -13.27 -16.70
N TRP B 365 14.14 -14.13 -16.43
CA TRP B 365 13.02 -13.75 -15.58
C TRP B 365 13.22 -14.22 -14.14
N ASN B 366 13.38 -13.26 -13.23
CA ASN B 366 13.63 -13.56 -11.82
C ASN B 366 12.40 -13.94 -10.97
N TYR B 367 11.74 -15.02 -11.37
CA TYR B 367 10.69 -15.66 -10.62
C TYR B 367 10.67 -17.11 -11.11
N PRO B 368 10.63 -18.09 -10.19
CA PRO B 368 10.37 -18.04 -8.74
C PRO B 368 11.57 -17.90 -7.80
N VAL B 369 12.73 -17.44 -8.29
CA VAL B 369 13.88 -17.23 -7.41
C VAL B 369 13.50 -16.46 -6.13
N THR B 370 14.00 -16.94 -4.98
CA THR B 370 13.69 -16.31 -3.69
C THR B 370 14.93 -15.91 -2.89
N ASP B 371 16.08 -15.80 -3.56
CA ASP B 371 17.33 -15.56 -2.84
C ASP B 371 17.36 -14.22 -2.10
N TYR B 372 16.48 -13.29 -2.49
CA TYR B 372 16.46 -11.95 -1.89
C TYR B 372 15.45 -11.85 -0.72
N PHE B 373 14.69 -12.93 -0.49
CA PHE B 373 13.67 -12.97 0.57
C PHE B 373 13.37 -14.44 0.85
N LYS B 374 14.33 -15.11 1.48
CA LYS B 374 14.40 -16.56 1.51
C LYS B 374 13.36 -17.26 2.37
N GLY B 375 12.78 -16.54 3.32
CA GLY B 375 11.75 -17.11 4.18
C GLY B 375 10.46 -17.44 3.46
N LYS B 376 10.27 -16.85 2.28
CA LYS B 376 9.07 -17.11 1.48
C LYS B 376 9.33 -17.99 0.25
N LEU B 377 8.43 -18.94 0.03
CA LEU B 377 8.41 -19.76 -1.16
C LEU B 377 7.62 -19.08 -2.28
N ALA B 378 8.15 -19.11 -3.50
CA ALA B 378 7.41 -18.50 -4.61
C ALA B 378 6.74 -19.61 -5.40
N LEU B 379 5.43 -19.76 -5.16
CA LEU B 379 4.65 -20.90 -5.63
C LEU B 379 3.55 -20.49 -6.65
N GLY B 380 3.68 -19.31 -7.22
CA GLY B 380 2.71 -18.80 -8.18
C GLY B 380 3.13 -19.04 -9.63
N PRO B 381 2.24 -18.72 -10.58
CA PRO B 381 2.50 -18.90 -12.00
C PRO B 381 3.32 -17.75 -12.57
N MET B 382 3.82 -17.93 -13.80
CA MET B 382 4.29 -16.80 -14.58
C MET B 382 3.17 -15.73 -14.53
N HIS B 383 3.54 -14.52 -14.11
CA HIS B 383 2.56 -13.46 -13.90
C HIS B 383 3.16 -12.12 -14.30
N GLY B 384 2.44 -11.39 -15.13
CA GLY B 384 2.88 -10.04 -15.49
C GLY B 384 3.63 -10.00 -16.80
N LEU B 385 3.82 -11.14 -17.42
CA LEU B 385 4.53 -11.20 -18.69
C LEU B 385 3.55 -10.99 -19.84
N ASP B 386 3.82 -9.97 -20.66
CA ASP B 386 2.92 -9.64 -21.77
C ASP B 386 2.77 -10.84 -22.67
N LYS B 387 1.53 -11.12 -23.06
CA LYS B 387 1.23 -12.28 -23.91
C LYS B 387 1.59 -12.09 -25.38
N GLY B 388 2.10 -10.91 -25.74
CA GLY B 388 2.62 -10.64 -27.09
C GLY B 388 4.13 -10.44 -27.06
N LEU B 389 4.77 -10.83 -25.96
CA LEU B 389 6.20 -10.64 -25.75
C LEU B 389 7.05 -11.27 -26.87
N ASN B 390 6.55 -12.36 -27.44
CA ASN B 390 7.23 -13.09 -28.53
C ASN B 390 7.60 -12.26 -29.78
N GLN B 391 6.92 -11.13 -29.99
CA GLN B 391 7.19 -10.22 -31.09
C GLN B 391 8.60 -9.65 -30.95
N TYR B 392 9.10 -9.64 -29.72
CA TYR B 392 10.37 -8.98 -29.44
C TYR B 392 11.35 -9.88 -28.75
N VAL B 393 10.90 -11.08 -28.40
CA VAL B 393 11.67 -12.00 -27.60
C VAL B 393 11.60 -13.39 -28.21
N ASP B 394 12.76 -14.04 -28.36
CA ASP B 394 12.77 -15.41 -28.88
C ASP B 394 13.61 -16.37 -28.02
N PHE B 395 13.77 -16.02 -26.75
CA PHE B 395 14.59 -16.79 -25.81
C PHE B 395 14.10 -16.45 -24.39
N PHE B 396 13.49 -17.41 -23.71
CA PHE B 396 12.87 -17.14 -22.38
C PHE B 396 13.36 -18.10 -21.33
N THR B 397 13.98 -17.57 -20.28
CA THR B 397 14.39 -18.42 -19.17
C THR B 397 13.92 -17.84 -17.84
N VAL B 398 13.70 -18.72 -16.86
CA VAL B 398 13.37 -18.27 -15.53
C VAL B 398 14.49 -18.66 -14.61
N ASN B 399 14.72 -17.82 -13.60
CA ASN B 399 15.63 -18.14 -12.51
C ASN B 399 14.76 -18.66 -11.35
N PRO B 400 14.99 -19.91 -10.93
CA PRO B 400 14.11 -20.59 -9.97
C PRO B 400 14.64 -20.50 -8.54
N MET B 401 14.03 -21.22 -7.60
CA MET B 401 14.51 -21.19 -6.21
C MET B 401 15.64 -22.20 -5.99
N GLU B 402 16.42 -21.98 -4.95
CA GLU B 402 17.33 -23.02 -4.45
C GLU B 402 16.52 -24.30 -4.15
N HIS B 403 15.20 -24.14 -3.94
CA HIS B 403 14.28 -25.24 -3.63
C HIS B 403 13.82 -25.87 -4.92
N ALA B 404 14.54 -26.89 -5.40
CA ALA B 404 14.32 -27.47 -6.73
C ALA B 404 12.93 -28.07 -6.95
N GLU B 405 12.40 -28.74 -5.92
CA GLU B 405 11.15 -29.48 -6.06
C GLU B 405 9.93 -28.55 -6.11
N LEU B 406 9.93 -27.53 -5.26
CA LEU B 406 8.78 -26.62 -5.25
C LEU B 406 8.82 -25.62 -6.42
N SER B 407 10.01 -25.41 -6.99
CA SER B 407 10.15 -24.58 -8.19
C SER B 407 9.35 -25.14 -9.38
N LYS B 408 9.10 -26.45 -9.36
CA LYS B 408 8.38 -27.10 -10.46
C LYS B 408 7.00 -26.52 -10.73
N ILE B 409 6.35 -26.01 -9.69
CA ILE B 409 5.01 -25.43 -9.90
C ILE B 409 5.10 -24.24 -10.83
N SER B 410 5.99 -23.30 -10.52
CA SER B 410 6.14 -22.11 -11.36
C SER B 410 6.77 -22.44 -12.72
N ILE B 411 7.74 -23.35 -12.74
CA ILE B 411 8.42 -23.75 -13.98
C ILE B 411 7.43 -24.38 -14.97
N HIS B 412 6.55 -25.23 -14.44
CA HIS B 412 5.47 -25.85 -15.17
C HIS B 412 4.68 -24.77 -15.90
N THR B 413 4.36 -23.67 -15.22
CA THR B 413 3.60 -22.60 -15.90
C THR B 413 4.44 -21.85 -16.92
N ALA B 414 5.76 -21.78 -16.71
CA ALA B 414 6.66 -21.12 -17.67
C ALA B 414 6.74 -21.94 -18.97
N ALA B 415 6.68 -23.26 -18.82
CA ALA B 415 6.62 -24.15 -19.97
C ALA B 415 5.44 -23.86 -20.89
N ASP B 416 4.27 -23.60 -20.30
CA ASP B 416 3.03 -23.37 -21.03
C ASP B 416 2.95 -21.95 -21.60
N TYR B 417 3.48 -20.98 -20.86
CA TYR B 417 3.52 -19.61 -21.32
C TYR B 417 4.46 -19.48 -22.52
N SER B 418 5.60 -20.19 -22.49
CA SER B 418 6.60 -20.01 -23.55
C SER B 418 6.34 -20.86 -24.79
N TRP B 419 5.64 -21.97 -24.63
CA TRP B 419 5.30 -22.85 -25.75
C TRP B 419 3.99 -22.39 -26.40
N ASN B 420 3.00 -22.02 -25.60
CA ASN B 420 1.74 -21.53 -26.12
C ASN B 420 1.39 -20.20 -25.47
N MET B 421 2.11 -19.16 -25.88
CA MET B 421 2.02 -17.83 -25.25
C MET B 421 0.65 -17.18 -25.37
N ASP B 422 0.14 -17.14 -26.61
CA ASP B 422 -1.12 -16.46 -26.92
C ASP B 422 -2.31 -16.92 -26.06
N ASN B 423 -2.32 -18.20 -25.71
CA ASN B 423 -3.45 -18.75 -24.96
C ASN B 423 -3.16 -18.93 -23.46
N TYR B 424 -2.06 -18.35 -22.97
CA TYR B 424 -1.65 -18.54 -21.58
C TYR B 424 -2.64 -17.89 -20.60
N ASP B 425 -3.16 -18.69 -19.69
CA ASP B 425 -4.10 -18.19 -18.67
C ASP B 425 -3.48 -18.58 -17.34
N TYR B 426 -3.05 -17.58 -16.56
CA TYR B 426 -2.20 -17.84 -15.43
C TYR B 426 -2.92 -18.61 -14.31
N ASP B 427 -4.19 -18.27 -14.04
CA ASP B 427 -4.94 -19.03 -13.05
C ASP B 427 -5.07 -20.51 -13.47
N LYS B 428 -5.43 -20.74 -14.75
CA LYS B 428 -5.61 -22.12 -15.21
C LYS B 428 -4.29 -22.88 -15.21
N ALA B 429 -3.22 -22.21 -15.66
CA ALA B 429 -1.89 -22.84 -15.69
C ALA B 429 -1.46 -23.21 -14.28
N TRP B 430 -1.72 -22.33 -13.32
CA TRP B 430 -1.38 -22.58 -11.91
C TRP B 430 -2.12 -23.81 -11.39
N ASN B 431 -3.43 -23.84 -11.60
CA ASN B 431 -4.24 -24.99 -11.19
C ASN B 431 -3.81 -26.29 -11.83
N ARG B 432 -3.48 -26.22 -13.11
CA ARG B 432 -3.06 -27.38 -13.86
C ARG B 432 -1.69 -27.86 -13.40
N ALA B 433 -0.82 -26.93 -13.05
CA ALA B 433 0.52 -27.27 -12.55
C ALA B 433 0.42 -28.10 -11.25
N ILE B 434 -0.38 -27.62 -10.30
CA ILE B 434 -0.59 -28.31 -9.05
C ILE B 434 -1.36 -29.64 -9.23
N ASP B 435 -2.41 -29.63 -10.06
CA ASP B 435 -3.10 -30.90 -10.39
C ASP B 435 -2.16 -31.97 -10.93
N MET B 436 -1.27 -31.59 -11.85
CA MET B 436 -0.42 -32.57 -12.54
C MET B 436 0.78 -33.01 -11.70
N LEU B 437 1.21 -32.15 -10.77
CA LEU B 437 2.37 -32.46 -9.96
C LEU B 437 2.03 -33.19 -8.68
N TYR B 438 0.85 -32.90 -8.11
CA TYR B 438 0.53 -33.34 -6.73
C TYR B 438 -0.61 -34.37 -6.59
N GLY B 439 -1.23 -34.75 -7.70
CA GLY B 439 -2.27 -35.78 -7.70
C GLY B 439 -3.34 -35.64 -6.64
N ASP B 440 -3.32 -36.56 -5.69
CA ASP B 440 -4.32 -36.63 -4.62
C ASP B 440 -4.21 -35.51 -3.61
N LEU B 441 -3.03 -34.91 -3.51
CA LEU B 441 -2.82 -33.80 -2.58
C LEU B 441 -2.93 -32.46 -3.30
N ALA B 442 -3.45 -32.45 -4.53
CA ALA B 442 -3.47 -31.22 -5.32
C ALA B 442 -4.35 -30.15 -4.68
N GLU B 443 -5.55 -30.53 -4.25
CA GLU B 443 -6.48 -29.54 -3.72
C GLU B 443 -5.95 -28.91 -2.43
N ASP B 444 -5.35 -29.73 -1.57
CA ASP B 444 -4.72 -29.20 -0.35
C ASP B 444 -3.51 -28.34 -0.66
N MET B 445 -2.68 -28.77 -1.62
CA MET B 445 -1.52 -28.00 -2.07
C MET B 445 -1.93 -26.65 -2.60
N LYS B 446 -3.04 -26.60 -3.34
CA LYS B 446 -3.58 -25.31 -3.82
C LYS B 446 -3.95 -24.35 -2.69
N VAL B 447 -4.52 -24.86 -1.61
CA VAL B 447 -4.91 -24.03 -0.51
C VAL B 447 -3.68 -23.35 0.07
N PHE B 448 -2.63 -24.16 0.30
CA PHE B 448 -1.38 -23.68 0.83
C PHE B 448 -0.64 -22.77 -0.16
N ALA B 449 -0.35 -23.25 -1.37
CA ALA B 449 0.41 -22.48 -2.37
C ALA B 449 -0.27 -21.14 -2.72
N ASN B 450 -1.61 -21.13 -2.72
CA ASN B 450 -2.39 -19.91 -2.93
C ASN B 450 -2.01 -18.76 -1.98
N HIS B 451 -1.57 -19.10 -0.77
CA HIS B 451 -1.08 -18.09 0.17
C HIS B 451 0.38 -17.71 -0.01
N SER B 452 1.01 -18.20 -1.07
CA SER B 452 2.46 -18.00 -1.21
C SER B 452 2.88 -17.84 -2.65
N THR B 453 2.32 -16.82 -3.31
CA THR B 453 2.64 -16.53 -4.69
C THR B 453 3.35 -15.17 -4.82
N ARG B 454 3.09 -14.28 -3.86
CA ARG B 454 3.58 -12.89 -3.96
C ARG B 454 4.92 -12.65 -3.29
N MET B 455 5.88 -12.12 -4.05
CA MET B 455 7.22 -11.85 -3.54
C MET B 455 7.46 -10.36 -3.39
N ASP B 456 7.97 -9.94 -2.23
CA ASP B 456 8.14 -8.52 -1.96
C ASP B 456 9.07 -8.35 -0.79
N ASN B 457 10.23 -7.77 -1.05
CA ASN B 457 11.20 -7.50 0.02
C ASN B 457 11.04 -6.11 0.62
N LYS B 458 9.98 -5.39 0.22
CA LYS B 458 9.68 -4.04 0.74
C LYS B 458 10.56 -2.92 0.17
N THR B 459 11.60 -3.27 -0.61
CA THR B 459 12.45 -2.27 -1.23
C THR B 459 12.46 -2.41 -2.74
N TRP B 460 13.53 -2.99 -3.28
CA TRP B 460 13.74 -3.00 -4.72
C TRP B 460 13.10 -4.20 -5.43
N ALA B 461 12.74 -5.25 -4.70
CA ALA B 461 12.34 -6.52 -5.32
C ALA B 461 10.89 -6.92 -5.06
N LYS B 462 10.13 -7.09 -6.13
CA LYS B 462 8.76 -7.53 -5.99
C LYS B 462 8.24 -8.08 -7.29
N SER B 463 7.49 -9.17 -7.20
CA SER B 463 6.92 -9.81 -8.37
C SER B 463 6.00 -10.94 -7.94
N GLY B 464 5.08 -11.32 -8.82
CA GLY B 464 4.18 -12.46 -8.60
C GLY B 464 2.72 -12.03 -8.42
N ARG B 465 1.82 -12.98 -8.65
CA ARG B 465 0.41 -12.81 -8.37
C ARG B 465 0.21 -12.54 -6.89
N GLU B 466 -0.79 -11.70 -6.55
CA GLU B 466 -1.11 -11.43 -5.15
C GLU B 466 -1.48 -12.73 -4.43
N ASP B 467 -1.15 -12.83 -3.15
CA ASP B 467 -1.56 -13.98 -2.33
C ASP B 467 -3.06 -14.02 -2.22
N ALA B 468 -3.62 -15.23 -2.18
CA ALA B 468 -5.03 -15.50 -1.89
C ALA B 468 -5.99 -14.32 -2.14
N PRO B 469 -6.17 -13.91 -3.41
CA PRO B 469 -6.94 -12.68 -3.66
C PRO B 469 -8.44 -12.77 -3.33
N GLU B 470 -9.03 -13.94 -3.49
CA GLU B 470 -10.44 -14.14 -3.16
C GLU B 470 -10.67 -13.97 -1.68
N LEU B 471 -9.83 -14.62 -0.88
CA LEU B 471 -9.88 -14.47 0.57
C LEU B 471 -9.60 -13.00 0.97
N ARG B 472 -8.62 -12.38 0.32
CA ARG B 472 -8.35 -10.97 0.59
C ARG B 472 -9.61 -10.10 0.31
N ALA B 473 -10.36 -10.40 -0.76
CA ALA B 473 -11.58 -9.65 -1.08
C ALA B 473 -12.67 -9.90 -0.03
N LYS B 474 -12.77 -11.12 0.48
CA LYS B 474 -13.72 -11.41 1.54
C LYS B 474 -13.39 -10.71 2.87
N MET B 475 -12.10 -10.66 3.23
CA MET B 475 -11.69 -9.91 4.44
C MET B 475 -12.04 -8.42 4.30
N ASP B 476 -11.73 -7.84 3.14
CA ASP B 476 -12.09 -6.44 2.86
C ASP B 476 -13.57 -6.21 3.08
N GLU B 477 -14.39 -7.11 2.56
CA GLU B 477 -15.82 -7.00 2.70
C GLU B 477 -16.25 -7.18 4.15
N LEU B 478 -15.51 -7.95 4.93
CA LEU B 478 -15.85 -8.05 6.35
C LEU B 478 -15.73 -6.69 7.03
N TRP B 479 -14.62 -5.99 6.80
CA TRP B 479 -14.42 -4.68 7.44
C TRP B 479 -15.40 -3.64 6.89
N ASN B 480 -15.76 -3.76 5.61
CA ASN B 480 -16.78 -2.88 5.03
C ASN B 480 -18.11 -3.03 5.76
N LYS B 481 -18.54 -4.27 5.99
CA LYS B 481 -19.81 -4.55 6.65
C LYS B 481 -19.83 -4.07 8.10
N LEU B 482 -18.77 -4.41 8.84
CA LEU B 482 -18.65 -4.07 10.24
C LEU B 482 -18.60 -2.58 10.46
N SER B 483 -17.85 -1.86 9.63
CA SER B 483 -17.78 -0.41 9.79
C SER B 483 -19.00 0.32 9.22
N SER B 484 -19.81 -0.38 8.41
CA SER B 484 -21.07 0.18 7.88
C SER B 484 -22.25 -0.24 8.76
N LYS B 485 -21.97 -0.92 9.88
CA LYS B 485 -23.01 -1.50 10.74
C LYS B 485 -23.97 -2.45 10.02
N GLU B 486 -23.51 -3.10 8.97
CA GLU B 486 -24.24 -4.19 8.33
C GLU B 486 -23.96 -5.54 8.99
N ASP B 487 -24.98 -6.40 9.03
CA ASP B 487 -24.86 -7.70 9.67
C ASP B 487 -23.78 -8.49 8.95
N ALA B 488 -22.86 -9.05 9.72
CA ALA B 488 -21.73 -9.77 9.13
C ALA B 488 -21.70 -11.21 9.57
N SER B 489 -22.78 -11.69 10.18
CA SER B 489 -22.82 -13.06 10.70
C SER B 489 -22.50 -14.11 9.66
N ALA B 490 -23.06 -13.94 8.47
CA ALA B 490 -22.91 -14.93 7.42
C ALA B 490 -21.47 -14.95 6.91
N LEU B 491 -20.93 -13.76 6.62
CA LEU B 491 -19.53 -13.65 6.22
C LEU B 491 -18.57 -14.20 7.32
N ILE B 492 -18.81 -13.81 8.57
CA ILE B 492 -17.98 -14.34 9.66
C ILE B 492 -17.97 -15.87 9.66
N GLU B 493 -19.16 -16.47 9.58
CA GLU B 493 -19.27 -17.94 9.53
C GLU B 493 -18.45 -18.51 8.36
N GLU B 494 -18.60 -17.88 7.20
CA GLU B 494 -17.86 -18.26 6.01
C GLU B 494 -16.34 -18.20 6.24
N LEU B 495 -15.85 -17.12 6.81
CA LEU B 495 -14.41 -17.00 7.10
C LEU B 495 -13.88 -18.02 8.13
N TYR B 496 -14.69 -18.37 9.14
CA TYR B 496 -14.32 -19.48 10.03
C TYR B 496 -14.04 -20.75 9.24
N GLY B 497 -14.85 -20.96 8.20
CA GLY B 497 -14.72 -22.08 7.30
C GLY B 497 -13.46 -22.04 6.47
N GLU B 498 -13.08 -20.86 6.00
CA GLU B 498 -11.83 -20.70 5.23
C GLU B 498 -10.60 -20.93 6.10
N PHE B 499 -10.63 -20.41 7.32
CA PHE B 499 -9.50 -20.56 8.21
C PHE B 499 -9.34 -22.00 8.64
N ALA B 500 -10.45 -22.67 8.94
CA ALA B 500 -10.39 -24.09 9.27
C ALA B 500 -9.86 -24.90 8.07
N ARG B 501 -10.28 -24.53 6.87
CA ARG B 501 -9.79 -25.23 5.68
C ARG B 501 -8.27 -25.07 5.48
N MET B 502 -7.76 -23.86 5.72
CA MET B 502 -6.34 -23.54 5.62
C MET B 502 -5.56 -24.42 6.55
N GLU B 503 -6.00 -24.48 7.81
CA GLU B 503 -5.31 -25.28 8.81
C GLU B 503 -5.37 -26.76 8.45
N GLU B 504 -6.55 -27.24 8.10
CA GLU B 504 -6.69 -28.66 7.76
C GLU B 504 -5.89 -29.06 6.47
N ALA B 505 -5.82 -28.17 5.49
CA ALA B 505 -5.02 -28.50 4.30
C ALA B 505 -3.55 -28.65 4.66
N CYS B 506 -3.06 -27.75 5.50
CA CYS B 506 -1.66 -27.74 5.87
C CYS B 506 -1.30 -28.97 6.73
N ASN B 507 -2.17 -29.30 7.68
CA ASN B 507 -2.01 -30.54 8.45
C ASN B 507 -1.97 -31.80 7.60
N ASN B 508 -2.87 -31.91 6.62
CA ASN B 508 -2.80 -33.03 5.70
C ASN B 508 -1.50 -33.03 4.89
N LEU B 509 -1.03 -31.87 4.46
CA LEU B 509 0.22 -31.76 3.68
C LEU B 509 1.43 -32.22 4.49
N LYS B 510 1.50 -31.73 5.72
CA LYS B 510 2.49 -32.17 6.69
C LYS B 510 2.54 -33.70 6.83
N ALA B 511 1.36 -34.32 6.82
CA ALA B 511 1.26 -35.77 7.02
C ALA B 511 1.53 -36.55 5.73
N ASN B 512 1.15 -35.99 4.58
CA ASN B 512 1.14 -36.81 3.38
C ASN B 512 2.08 -36.39 2.25
N LEU B 513 2.61 -35.17 2.30
CA LEU B 513 3.57 -34.75 1.28
C LEU B 513 4.74 -35.71 1.27
N PRO B 514 5.21 -36.05 0.06
CA PRO B 514 6.46 -36.79 0.03
C PRO B 514 7.55 -35.96 0.65
N GLU B 515 8.54 -36.64 1.22
CA GLU B 515 9.63 -35.99 1.91
C GLU B 515 10.36 -34.96 1.03
N VAL B 516 10.56 -35.29 -0.25
CA VAL B 516 11.27 -34.38 -1.19
C VAL B 516 10.58 -33.00 -1.32
N ALA B 517 9.25 -32.98 -1.31
CA ALA B 517 8.53 -31.72 -1.20
C ALA B 517 8.49 -31.18 0.25
N LEU B 518 8.11 -32.03 1.21
CA LEU B 518 7.89 -31.58 2.60
C LEU B 518 9.10 -30.86 3.18
N GLU B 519 10.27 -31.42 2.87
CA GLU B 519 11.58 -30.86 3.22
C GLU B 519 11.75 -29.37 2.90
N GLU B 520 11.19 -28.95 1.77
CA GLU B 520 11.37 -27.59 1.33
C GLU B 520 10.36 -26.60 1.96
N CYS B 521 9.21 -27.10 2.40
CA CYS B 521 8.14 -26.21 2.91
C CYS B 521 7.62 -26.45 4.33
N SER B 522 8.30 -27.27 5.13
CA SER B 522 7.80 -27.64 6.45
C SER B 522 7.59 -26.39 7.31
N ARG B 523 8.57 -25.50 7.36
CA ARG B 523 8.41 -24.31 8.20
C ARG B 523 7.27 -23.40 7.73
N GLN B 524 7.09 -23.29 6.41
CA GLN B 524 6.06 -22.40 5.87
C GLN B 524 4.67 -22.96 6.14
N LEU B 525 4.57 -24.29 6.15
CA LEU B 525 3.35 -24.98 6.53
C LEU B 525 2.96 -24.64 7.95
N ASP B 526 3.91 -24.76 8.88
CA ASP B 526 3.68 -24.48 10.28
C ASP B 526 3.32 -23.00 10.44
N GLU B 527 3.94 -22.13 9.64
CA GLU B 527 3.59 -20.71 9.69
C GLU B 527 2.14 -20.42 9.27
N LEU B 528 1.71 -21.02 8.16
CA LEU B 528 0.31 -20.85 7.70
C LEU B 528 -0.72 -21.38 8.71
N ILE B 529 -0.38 -22.49 9.37
CA ILE B 529 -1.24 -23.02 10.43
C ILE B 529 -1.34 -21.99 11.56
N THR B 530 -0.22 -21.42 11.96
CA THR B 530 -0.20 -20.43 13.05
C THR B 530 -1.05 -19.20 12.69
N LEU B 531 -0.88 -18.72 11.46
CA LEU B 531 -1.66 -17.58 10.96
C LEU B 531 -3.16 -17.86 10.91
N ALA B 532 -3.51 -19.05 10.42
CA ALA B 532 -4.89 -19.53 10.36
C ALA B 532 -5.52 -19.56 11.75
N GLN B 533 -4.76 -20.04 12.72
CA GLN B 533 -5.24 -20.07 14.09
C GLN B 533 -5.41 -18.65 14.64
N GLY B 534 -4.53 -17.75 14.25
CA GLY B 534 -4.59 -16.36 14.67
C GLY B 534 -5.75 -15.64 13.99
N ASP B 535 -6.02 -16.00 12.75
CA ASP B 535 -7.16 -15.53 11.97
C ASP B 535 -8.47 -15.97 12.65
N LYS B 536 -8.54 -17.24 13.04
CA LYS B 536 -9.71 -17.75 13.76
C LYS B 536 -9.90 -16.96 15.09
N ALA B 537 -8.80 -16.70 15.77
CA ALA B 537 -8.86 -15.96 17.02
C ALA B 537 -9.33 -14.52 16.83
N SER B 538 -8.99 -13.95 15.67
CA SER B 538 -9.39 -12.60 15.32
C SER B 538 -10.91 -12.51 15.13
N LEU B 539 -11.46 -13.52 14.48
CA LEU B 539 -12.90 -13.62 14.36
C LEU B 539 -13.55 -13.71 15.74
N ASP B 540 -12.96 -14.50 16.63
CA ASP B 540 -13.46 -14.67 17.99
C ASP B 540 -13.45 -13.30 18.70
N MET B 541 -12.44 -12.47 18.41
CA MET B 541 -12.42 -11.11 18.94
C MET B 541 -13.63 -10.29 18.47
N ILE B 542 -13.84 -10.26 17.15
CA ILE B 542 -14.96 -9.55 16.55
C ILE B 542 -16.30 -10.00 17.13
N VAL B 543 -16.52 -11.32 17.15
CA VAL B 543 -17.75 -11.89 17.71
C VAL B 543 -17.96 -11.48 19.17
N ALA B 544 -16.88 -11.45 19.95
CA ALA B 544 -16.96 -11.12 21.37
C ALA B 544 -17.36 -9.65 21.55
N GLN B 545 -16.90 -8.80 20.64
CA GLN B 545 -17.26 -7.39 20.64
C GLN B 545 -18.71 -7.16 20.20
N LEU B 546 -19.19 -7.98 19.25
CA LEU B 546 -20.57 -7.92 18.82
C LEU B 546 -21.50 -8.41 19.95
N ASN B 547 -21.00 -9.35 20.76
CA ASN B 547 -21.75 -9.90 21.89
C ASN B 547 -21.55 -9.11 23.19
N GLU B 548 -20.76 -8.04 23.15
CA GLU B 548 -20.39 -7.27 24.35
C GLU B 548 -19.88 -8.16 25.50
N ASP B 549 -19.06 -9.13 25.12
CA ASP B 549 -18.44 -10.02 26.07
C ASP B 549 -16.96 -9.63 26.22
N THR B 550 -16.68 -8.87 27.27
CA THR B 550 -15.32 -8.38 27.54
C THR B 550 -14.28 -9.47 27.82
N GLU B 551 -14.66 -10.53 28.53
CA GLU B 551 -13.70 -11.59 28.88
C GLU B 551 -13.39 -12.46 27.67
N ALA B 552 -14.42 -12.78 26.88
CA ALA B 552 -14.20 -13.51 25.65
C ALA B 552 -13.30 -12.71 24.67
N TYR B 553 -13.50 -11.38 24.62
CA TYR B 553 -12.64 -10.48 23.84
C TYR B 553 -11.16 -10.55 24.24
N GLU B 554 -10.89 -10.41 25.55
CA GLU B 554 -9.50 -10.38 26.02
C GLU B 554 -8.80 -11.71 25.80
N SER B 555 -9.54 -12.81 25.96
CA SER B 555 -8.98 -14.14 25.71
C SER B 555 -8.69 -14.45 24.24
N ALA B 556 -9.56 -13.99 23.34
CA ALA B 556 -9.33 -14.17 21.91
C ALA B 556 -8.18 -13.28 21.50
N LYS B 557 -8.17 -12.05 22.02
CA LYS B 557 -7.13 -11.10 21.67
C LYS B 557 -5.72 -11.59 22.02
N GLU B 558 -5.57 -12.17 23.20
CA GLU B 558 -4.27 -12.69 23.65
C GLU B 558 -3.81 -13.83 22.72
N ILE B 559 -4.73 -14.69 22.32
CA ILE B 559 -4.38 -15.74 21.38
C ILE B 559 -3.97 -15.12 20.03
N ALA B 560 -4.73 -14.14 19.56
CA ALA B 560 -4.47 -13.54 18.25
C ALA B 560 -3.08 -12.92 18.25
N GLN B 561 -2.77 -12.16 19.30
CA GLN B 561 -1.49 -11.49 19.42
C GLN B 561 -0.30 -12.47 19.53
N ASN B 562 -0.44 -13.57 20.29
CA ASN B 562 0.61 -14.60 20.36
C ASN B 562 0.82 -15.32 19.03
N LYS B 563 -0.28 -15.59 18.31
CA LYS B 563 -0.16 -16.20 17.00
C LYS B 563 0.58 -15.28 16.05
N LEU B 564 0.15 -14.03 15.97
CA LEU B 564 0.84 -13.03 15.16
C LEU B 564 2.32 -12.92 15.54
N ASN B 565 2.60 -12.80 16.84
CA ASN B 565 3.99 -12.69 17.30
C ASN B 565 4.87 -13.86 16.90
N THR B 566 4.33 -15.07 17.00
CA THR B 566 5.01 -16.28 16.53
C THR B 566 5.32 -16.19 15.02
N ALA B 567 4.32 -15.79 14.23
CA ALA B 567 4.49 -15.61 12.78
C ALA B 567 5.58 -14.59 12.45
N LEU B 568 5.53 -13.43 13.08
CA LEU B 568 6.49 -12.36 12.78
C LEU B 568 7.93 -12.72 13.16
N SER B 569 8.12 -13.39 14.30
CA SER B 569 9.46 -13.76 14.75
C SER B 569 10.07 -14.98 14.06
N SER B 570 9.27 -15.71 13.28
CA SER B 570 9.77 -16.91 12.63
C SER B 570 10.51 -16.59 11.35
N PHE B 571 11.39 -17.49 10.95
CA PHE B 571 12.09 -17.35 9.67
C PHE B 571 11.10 -17.42 8.49
N ALA B 572 10.23 -18.42 8.49
CA ALA B 572 9.24 -18.61 7.45
C ALA B 572 8.37 -17.36 7.23
N VAL B 573 8.05 -17.08 5.97
CA VAL B 573 7.17 -15.94 5.66
C VAL B 573 6.10 -16.41 4.68
N ILE B 574 4.83 -16.06 4.96
CA ILE B 574 3.76 -16.39 4.03
C ILE B 574 2.53 -15.50 4.24
N SER B 575 1.78 -15.24 3.16
CA SER B 575 0.48 -14.59 3.21
C SER B 575 0.57 -13.27 3.97
N GLU B 576 1.60 -12.46 3.70
CA GLU B 576 1.82 -11.22 4.48
C GLU B 576 0.64 -10.24 4.46
N LYS B 577 0.09 -10.03 3.26
CA LYS B 577 -1.01 -9.06 3.06
C LYS B 577 -2.38 -9.69 3.34
N VAL B 578 -2.41 -10.97 3.62
CA VAL B 578 -3.69 -11.66 3.76
C VAL B 578 -3.86 -12.30 5.15
N ALA B 579 -3.43 -13.56 5.32
CA ALA B 579 -3.60 -14.25 6.61
C ALA B 579 -2.93 -13.47 7.75
N GLN B 580 -1.75 -12.93 7.48
CA GLN B 580 -0.96 -12.21 8.49
C GLN B 580 -1.54 -10.84 8.78
N SER B 581 -1.74 -10.06 7.72
CA SER B 581 -2.31 -8.72 7.82
C SER B 581 -3.70 -8.73 8.51
N PHE B 582 -4.48 -9.77 8.27
CA PHE B 582 -5.83 -9.89 8.83
C PHE B 582 -5.86 -9.75 10.36
N ILE B 583 -4.90 -10.40 11.04
CA ILE B 583 -4.79 -10.35 12.49
C ILE B 583 -4.48 -8.94 12.94
N GLN B 584 -3.53 -8.29 12.26
CA GLN B 584 -3.19 -6.88 12.59
C GLN B 584 -4.39 -5.95 12.36
N GLU B 585 -5.18 -6.23 11.33
CA GLU B 585 -6.37 -5.44 11.02
C GLU B 585 -7.40 -5.58 12.15
N ALA B 586 -7.63 -6.82 12.57
CA ALA B 586 -8.56 -7.12 13.65
C ALA B 586 -8.13 -6.48 14.99
N LEU B 587 -6.83 -6.54 15.29
CA LEU B 587 -6.29 -5.97 16.53
C LEU B 587 -6.41 -4.43 16.61
N SER B 588 -6.49 -3.79 15.44
CA SER B 588 -6.59 -2.33 15.35
C SER B 588 -8.05 -1.88 15.22
N PHE B 589 -8.99 -2.82 15.04
CA PHE B 589 -10.40 -2.46 14.83
C PHE B 589 -11.14 -2.43 16.17
N ASP B 590 -11.77 -1.30 16.46
CA ASP B 590 -12.59 -1.19 17.66
C ASP B 590 -14.06 -1.13 17.26
N LEU B 591 -14.71 -2.28 17.32
CA LEU B 591 -16.12 -2.38 16.93
C LEU B 591 -17.04 -1.62 17.88
N THR B 592 -16.64 -1.51 19.14
CA THR B 592 -17.47 -0.90 20.19
C THR B 592 -17.86 0.55 19.93
N LEU B 593 -17.41 1.13 18.81
CA LEU B 593 -17.72 2.53 18.52
C LEU B 593 -18.30 2.84 17.13
N ILE B 594 -18.64 1.78 16.40
CA ILE B 594 -19.32 1.95 15.11
C ILE B 594 -20.79 2.35 15.35
CAB X0T C . -22.46 11.28 17.21
N3 X0T C . -21.52 11.12 16.05
C2 X0T C . -21.89 11.53 14.77
O2 X0T C . -23.01 12.02 14.62
N1 X0T C . -20.99 11.38 13.67
CAA X0T C . -21.39 11.84 12.32
C6 X0T C . -19.72 10.81 13.88
O6 X0T C . -18.93 10.67 12.94
C5 X0T C . -19.37 10.40 15.18
C4 X0T C . -20.24 10.56 16.25
N9 X0T C . -19.64 10.09 17.35
C8 X0T C . -18.42 9.67 17.00
N7 X0T C . -18.28 9.86 15.69
CAI X0T C . -17.09 9.53 14.88
CAO X0T C . -15.97 8.89 15.65
OAF X0T C . -15.41 9.82 16.56
CAH X0T C . -14.91 8.46 14.63
OAE X0T C . -14.20 7.38 15.18
CAB X0T D . 24.37 -13.80 -12.85
N3 X0T D . 23.05 -13.11 -12.80
C2 X0T D . 22.54 -12.44 -13.91
O2 X0T D . 23.17 -12.40 -14.97
N1 X0T D . 21.28 -11.79 -13.82
CAA X0T D . 20.75 -11.08 -15.02
C6 X0T D . 20.55 -11.83 -12.63
O6 X0T D . 19.46 -11.29 -12.56
C5 X0T D . 21.06 -12.52 -11.54
C4 X0T D . 22.31 -13.14 -11.60
N9 X0T D . 22.57 -13.69 -10.41
C8 X0T D . 21.53 -13.45 -9.61
N7 X0T D . 20.62 -12.74 -10.28
CAI X0T D . 19.37 -12.25 -9.72
CAO X0T D . 19.12 -12.79 -8.31
OAF X0T D . 18.93 -14.21 -8.32
CAH X0T D . 17.88 -12.14 -7.75
OAE X0T D . 18.18 -11.77 -6.42
#